data_1FQK
#
_entry.id   1FQK
#
_cell.length_a   96.785
_cell.length_b   115.073
_cell.length_c   136.460
_cell.angle_alpha   90.00
_cell.angle_beta   90.00
_cell.angle_gamma   90.00
#
_symmetry.space_group_name_H-M   'P 21 21 21'
#
loop_
_entity.id
_entity.type
_entity.pdbx_description
1 polymer 'Guanine nucleotide-binding protein G(t) subunit alpha-1,Guanine nucleotide-binding protein G(i) subunit alpha-1,Guanine nucleotide-binding protein G(t) subunit alpha-1'
2 polymer 'Regulator of G-protein signaling 9'
3 non-polymer 'MAGNESIUM ION'
4 non-polymer 'TETRAFLUOROALUMINATE ION'
5 non-polymer "GUANOSINE-5'-DIPHOSPHATE"
6 water water
#
loop_
_entity_poly.entity_id
_entity_poly.type
_entity_poly.pdbx_seq_one_letter_code
_entity_poly.pdbx_strand_id
1 'polypeptide(L)'
;DARTVKLLLLGAGESGKSTIVKQMKIIHQDGYSLEECLEFIAIIYGNTLQSILAIVRAMTTLNIQYGDSARQDDARKLMH
MADTIEEGTMPKEMSDIIQRLWKDSGIQACFDRASEYQLNDSAGYYLSDLERLVTPGYVPTEQDVLRSRVKTTGIIETQF
SFKDLNFRMFDVGGQRSERKKWIHCFEGVTAIIFCVALSDYDLVLAEDEEMNRMHESMKLFDSICNNKWFTDTSIILFLN
KKDLFEEKIKKSPLTICYPEYAGSNTYEEAGNYIKVQFLELNMRRDVKEIYSHMTCATDTQNVKFVFDAVTDIIIKENLK
DCGLF
;
A,C
2 'polypeptide(L)'
;QFWDLNAKLVDIPTKMRVERWAFNFSELIRDPKGRQSFQHFLRKEFSGENLGFWEACEDLKYGDQSKVKEKAEEIYKLFL
APGARRWINIDGKTMDITVKGLKHPHRYVLDAAQTHIYMLMKKDSYARYLKSPIYKEMLAKAIEPQG
;
B,D
#
# COMPACT_ATOMS: atom_id res chain seq x y z
N ARG A 3 23.95 -25.30 -26.54
CA ARG A 3 23.69 -24.24 -27.56
C ARG A 3 23.63 -22.84 -26.91
N THR A 4 24.08 -21.84 -27.66
CA THR A 4 24.11 -20.45 -27.19
C THR A 4 22.88 -19.64 -27.57
N VAL A 5 22.50 -18.69 -26.70
CA VAL A 5 21.33 -17.84 -26.94
C VAL A 5 21.61 -16.36 -26.61
N LYS A 6 21.44 -15.49 -27.61
CA LYS A 6 21.67 -14.05 -27.43
C LYS A 6 20.37 -13.41 -26.98
N LEU A 7 20.40 -12.82 -25.79
CA LEU A 7 19.21 -12.19 -25.23
C LEU A 7 19.35 -10.69 -25.11
N LEU A 8 18.29 -9.98 -25.45
CA LEU A 8 18.29 -8.53 -25.35
C LEU A 8 17.29 -7.98 -24.34
N LEU A 9 17.80 -7.18 -23.42
CA LEU A 9 16.98 -6.53 -22.41
C LEU A 9 16.77 -5.12 -22.93
N LEU A 10 15.59 -4.84 -23.47
CA LEU A 10 15.30 -3.52 -23.97
C LEU A 10 14.18 -2.87 -23.17
N GLY A 11 14.06 -1.55 -23.27
CA GLY A 11 13.02 -0.83 -22.55
C GLY A 11 13.44 0.60 -22.26
N ALA A 12 12.49 1.48 -22.01
CA ALA A 12 12.80 2.88 -21.74
C ALA A 12 13.55 3.01 -20.43
N GLY A 13 13.99 4.23 -20.14
CA GLY A 13 14.74 4.45 -18.91
C GLY A 13 13.93 4.15 -17.66
N GLU A 14 14.55 3.43 -16.73
CA GLU A 14 13.96 3.07 -15.44
C GLU A 14 12.77 2.14 -15.54
N SER A 15 12.87 1.14 -16.39
CA SER A 15 11.79 0.19 -16.57
C SER A 15 12.04 -1.12 -15.80
N GLY A 16 13.30 -1.37 -15.44
CA GLY A 16 13.60 -2.56 -14.66
C GLY A 16 14.68 -3.49 -15.21
N LYS A 17 15.21 -3.16 -16.39
CA LYS A 17 16.24 -3.97 -17.04
C LYS A 17 17.39 -4.42 -16.14
N SER A 18 18.21 -3.47 -15.68
CA SER A 18 19.33 -3.87 -14.84
C SER A 18 18.90 -4.64 -13.60
N THR A 19 17.70 -4.38 -13.10
CA THR A 19 17.24 -5.09 -11.92
C THR A 19 17.08 -6.58 -12.25
N ILE A 20 16.68 -6.87 -13.49
CA ILE A 20 16.53 -8.24 -13.96
C ILE A 20 17.93 -8.89 -13.97
N VAL A 21 18.91 -8.14 -14.47
CA VAL A 21 20.28 -8.61 -14.52
C VAL A 21 20.70 -9.02 -13.11
N LYS A 22 20.38 -8.18 -12.13
CA LYS A 22 20.73 -8.49 -10.75
C LYS A 22 20.11 -9.80 -10.28
N GLN A 23 18.90 -10.10 -10.74
CA GLN A 23 18.22 -11.33 -10.32
C GLN A 23 18.85 -12.53 -11.01
N MET A 24 19.35 -12.34 -12.23
CA MET A 24 19.98 -13.43 -12.95
C MET A 24 21.24 -13.80 -12.17
N LYS A 25 21.91 -12.79 -11.63
CA LYS A 25 23.12 -13.01 -10.85
C LYS A 25 22.77 -13.76 -9.56
N ILE A 26 21.62 -13.41 -8.99
CA ILE A 26 21.17 -14.02 -7.74
C ILE A 26 20.68 -15.44 -7.95
N ILE A 27 20.12 -15.71 -9.13
CA ILE A 27 19.54 -17.02 -9.42
C ILE A 27 20.39 -18.00 -10.21
N HIS A 28 21.20 -17.51 -11.14
CA HIS A 28 22.00 -18.40 -11.95
C HIS A 28 23.49 -18.07 -11.90
N GLN A 29 23.91 -17.32 -10.88
CA GLN A 29 25.32 -16.94 -10.76
C GLN A 29 25.87 -16.89 -9.33
N ASP A 30 25.21 -17.57 -8.40
CA ASP A 30 25.68 -17.58 -7.01
C ASP A 30 25.63 -16.23 -6.30
N GLY A 31 24.71 -15.38 -6.71
CA GLY A 31 24.54 -14.09 -6.07
C GLY A 31 25.77 -13.27 -5.73
N TYR A 32 25.61 -12.39 -4.75
CA TYR A 32 26.66 -11.49 -4.32
C TYR A 32 27.49 -11.99 -3.13
N SER A 33 28.73 -11.50 -3.03
CA SER A 33 29.60 -11.87 -1.92
C SER A 33 29.42 -10.77 -0.88
N LEU A 34 30.13 -10.85 0.24
CA LEU A 34 29.98 -9.83 1.27
C LEU A 34 30.59 -8.52 0.81
N GLU A 35 31.73 -8.61 0.13
CA GLU A 35 32.41 -7.43 -0.38
C GLU A 35 31.60 -6.70 -1.44
N GLU A 36 30.85 -7.46 -2.24
CA GLU A 36 30.02 -6.84 -3.26
C GLU A 36 28.84 -6.19 -2.61
N CYS A 37 28.16 -6.93 -1.72
CA CYS A 37 27.00 -6.38 -1.01
C CYS A 37 27.35 -5.04 -0.38
N LEU A 38 28.54 -4.95 0.19
CA LEU A 38 28.99 -3.73 0.84
C LEU A 38 29.29 -2.58 -0.11
N GLU A 39 29.57 -2.90 -1.37
CA GLU A 39 29.85 -1.84 -2.34
C GLU A 39 28.57 -1.06 -2.71
N PHE A 40 27.43 -1.57 -2.26
CA PHE A 40 26.12 -0.97 -2.54
C PHE A 40 25.66 0.00 -1.44
N ILE A 41 26.31 -0.06 -0.28
CA ILE A 41 25.93 0.81 0.81
C ILE A 41 25.96 2.27 0.38
N ALA A 42 26.99 2.63 -0.39
CA ALA A 42 27.15 4.02 -0.84
C ALA A 42 26.12 4.38 -1.90
N ILE A 43 25.75 3.41 -2.69
CA ILE A 43 24.78 3.63 -3.74
C ILE A 43 23.43 3.82 -3.05
N ILE A 44 23.21 3.09 -1.98
CA ILE A 44 21.94 3.17 -1.23
C ILE A 44 21.86 4.49 -0.48
N TYR A 45 22.97 4.94 0.09
CA TYR A 45 22.95 6.22 0.80
C TYR A 45 22.80 7.34 -0.21
N GLY A 46 23.28 7.09 -1.43
CA GLY A 46 23.18 8.08 -2.50
C GLY A 46 21.75 8.26 -2.99
N ASN A 47 21.02 7.16 -3.16
CA ASN A 47 19.63 7.19 -3.61
C ASN A 47 18.80 7.86 -2.51
N THR A 48 19.02 7.40 -1.28
CA THR A 48 18.31 7.92 -0.12
C THR A 48 18.35 9.44 -0.06
N LEU A 49 19.56 10.00 -0.09
CA LEU A 49 19.73 11.45 -0.06
C LEU A 49 19.02 12.09 -1.25
N GLN A 50 19.37 11.67 -2.46
CA GLN A 50 18.76 12.24 -3.65
C GLN A 50 17.24 12.15 -3.59
N SER A 51 16.73 11.09 -2.97
CA SER A 51 15.29 10.93 -2.84
C SER A 51 14.69 11.96 -1.87
N ILE A 52 15.28 12.12 -0.68
CA ILE A 52 14.72 13.10 0.25
C ILE A 52 14.90 14.53 -0.27
N LEU A 53 16.00 14.78 -0.97
CA LEU A 53 16.24 16.11 -1.53
C LEU A 53 15.16 16.50 -2.54
N ALA A 54 14.81 15.58 -3.43
CA ALA A 54 13.79 15.86 -4.42
C ALA A 54 12.44 16.13 -3.76
N ILE A 55 12.11 15.34 -2.75
CA ILE A 55 10.85 15.54 -2.05
C ILE A 55 10.88 16.96 -1.48
N VAL A 56 11.94 17.27 -0.75
CA VAL A 56 12.09 18.60 -0.14
C VAL A 56 11.89 19.72 -1.18
N ARG A 57 12.66 19.69 -2.27
CA ARG A 57 12.51 20.72 -3.30
C ARG A 57 11.08 20.81 -3.83
N ALA A 58 10.40 19.67 -3.95
CA ALA A 58 9.03 19.65 -4.45
C ALA A 58 8.08 20.43 -3.54
N MET A 59 8.42 20.51 -2.26
CA MET A 59 7.60 21.25 -1.31
C MET A 59 7.34 22.66 -1.80
N THR A 60 8.39 23.34 -2.26
CA THR A 60 8.22 24.71 -2.76
C THR A 60 7.67 24.66 -4.18
N THR A 61 8.17 23.74 -5.00
CA THR A 61 7.69 23.64 -6.38
C THR A 61 6.19 23.42 -6.42
N LEU A 62 5.69 22.57 -5.51
CA LEU A 62 4.26 22.27 -5.46
C LEU A 62 3.60 23.14 -4.40
N ASN A 63 4.37 24.08 -3.85
CA ASN A 63 3.88 24.98 -2.82
C ASN A 63 3.05 24.25 -1.76
N ILE A 64 3.71 23.31 -1.08
CA ILE A 64 3.13 22.52 0.00
C ILE A 64 3.87 23.01 1.24
N GLN A 65 3.19 23.10 2.38
CA GLN A 65 3.86 23.58 3.57
C GLN A 65 4.06 22.48 4.61
N TYR A 66 5.13 22.58 5.39
CA TYR A 66 5.45 21.60 6.40
C TYR A 66 4.38 21.42 7.46
N GLY A 67 4.30 20.21 8.01
CA GLY A 67 3.33 19.95 9.04
C GLY A 67 3.68 20.86 10.20
N ASP A 68 4.95 20.77 10.61
CA ASP A 68 5.49 21.57 11.69
C ASP A 68 6.53 22.51 11.09
N SER A 69 6.31 23.81 11.30
CA SER A 69 7.19 24.85 10.78
C SER A 69 8.69 24.69 11.11
N ALA A 70 8.98 24.03 12.22
CA ALA A 70 10.36 23.81 12.63
C ALA A 70 11.17 23.06 11.56
N ARG A 71 10.50 22.10 10.92
CA ARG A 71 11.11 21.28 9.88
C ARG A 71 11.79 22.09 8.78
N GLN A 72 11.40 23.36 8.63
CA GLN A 72 11.98 24.22 7.59
C GLN A 72 13.48 24.40 7.72
N ASP A 73 13.96 24.45 8.96
CA ASP A 73 15.37 24.60 9.21
C ASP A 73 16.05 23.29 8.82
N ASP A 74 15.48 22.18 9.29
CA ASP A 74 16.01 20.85 9.00
C ASP A 74 16.23 20.71 7.51
N ALA A 75 15.27 21.22 6.73
CA ALA A 75 15.34 21.16 5.28
C ALA A 75 16.55 21.96 4.81
N ARG A 76 16.65 23.20 5.27
CA ARG A 76 17.78 24.06 4.88
C ARG A 76 19.12 23.46 5.26
N LYS A 77 19.23 22.92 6.48
CA LYS A 77 20.50 22.33 6.90
C LYS A 77 20.84 21.06 6.14
N LEU A 78 19.82 20.39 5.62
CA LEU A 78 20.05 19.16 4.86
C LEU A 78 20.66 19.56 3.52
N MET A 79 20.04 20.54 2.88
CA MET A 79 20.51 21.03 1.59
C MET A 79 21.99 21.41 1.69
N HIS A 80 22.39 21.96 2.82
CA HIS A 80 23.77 22.38 3.03
C HIS A 80 24.66 21.15 3.14
N MET A 81 24.36 20.28 4.09
CA MET A 81 25.14 19.07 4.29
C MET A 81 25.25 18.26 3.01
N ALA A 82 24.34 18.49 2.08
CA ALA A 82 24.35 17.75 0.82
C ALA A 82 25.57 18.16 0.00
N ASP A 83 25.90 19.45 0.05
CA ASP A 83 27.03 19.98 -0.71
C ASP A 83 28.38 19.91 0.02
N THR A 84 28.40 19.55 1.29
CA THR A 84 29.66 19.50 2.02
C THR A 84 30.18 18.11 2.38
N ILE A 85 29.30 17.16 2.68
CA ILE A 85 29.75 15.82 3.06
C ILE A 85 30.29 15.06 1.85
N GLU A 86 30.88 13.90 2.10
CA GLU A 86 31.41 13.06 1.04
C GLU A 86 30.29 12.28 0.38
N GLU A 87 30.28 12.28 -0.96
CA GLU A 87 29.27 11.60 -1.74
C GLU A 87 29.16 10.12 -1.34
N GLY A 88 27.93 9.66 -1.10
CA GLY A 88 27.73 8.26 -0.75
C GLY A 88 27.89 7.89 0.71
N THR A 89 27.72 8.87 1.59
CA THR A 89 27.84 8.60 3.01
C THR A 89 26.58 9.13 3.67
N MET A 90 26.40 8.78 4.94
CA MET A 90 25.21 9.21 5.67
C MET A 90 25.55 9.39 7.15
N PRO A 91 25.99 10.59 7.53
CA PRO A 91 26.35 10.94 8.91
C PRO A 91 25.13 10.96 9.81
N LYS A 92 25.33 10.62 11.08
CA LYS A 92 24.25 10.60 12.06
C LYS A 92 23.39 11.86 11.98
N GLU A 93 24.02 13.02 12.09
CA GLU A 93 23.27 14.27 12.05
C GLU A 93 22.44 14.44 10.78
N MET A 94 22.82 13.71 9.73
CA MET A 94 22.09 13.79 8.47
C MET A 94 20.87 12.87 8.52
N SER A 95 21.10 11.61 8.87
CA SER A 95 19.98 10.68 8.95
C SER A 95 18.98 11.14 10.00
N ASP A 96 19.43 11.92 10.99
CA ASP A 96 18.48 12.41 12.01
C ASP A 96 17.57 13.44 11.36
N ILE A 97 18.15 14.26 10.48
CA ILE A 97 17.40 15.29 9.78
C ILE A 97 16.42 14.65 8.78
N ILE A 98 16.87 13.59 8.13
CA ILE A 98 16.04 12.92 7.15
C ILE A 98 14.87 12.25 7.85
N GLN A 99 15.13 11.58 8.96
CA GLN A 99 14.06 10.89 9.67
C GLN A 99 12.99 11.83 10.19
N ARG A 100 13.38 13.04 10.56
CA ARG A 100 12.39 14.00 11.05
C ARG A 100 11.55 14.57 9.92
N LEU A 101 12.16 14.78 8.76
CA LEU A 101 11.40 15.29 7.62
C LEU A 101 10.41 14.19 7.20
N TRP A 102 10.89 12.97 7.10
CA TRP A 102 10.04 11.85 6.70
C TRP A 102 8.76 11.78 7.52
N LYS A 103 8.87 11.96 8.83
CA LYS A 103 7.70 11.90 9.72
C LYS A 103 6.77 13.10 9.60
N ASP A 104 7.20 14.13 8.86
CA ASP A 104 6.38 15.33 8.67
C ASP A 104 5.17 15.06 7.78
N SER A 105 4.01 15.56 8.16
CA SER A 105 2.78 15.32 7.39
C SER A 105 2.80 15.99 6.02
N GLY A 106 3.54 17.09 5.89
CA GLY A 106 3.62 17.79 4.63
C GLY A 106 4.60 17.10 3.68
N ILE A 107 5.65 16.54 4.25
CA ILE A 107 6.64 15.83 3.46
C ILE A 107 5.90 14.64 2.88
N GLN A 108 5.13 13.95 3.73
CA GLN A 108 4.35 12.80 3.27
C GLN A 108 3.38 13.20 2.17
N ALA A 109 2.74 14.35 2.33
CA ALA A 109 1.80 14.84 1.32
C ALA A 109 2.51 15.04 -0.02
N CYS A 110 3.76 15.51 0.04
CA CYS A 110 4.52 15.74 -1.18
C CYS A 110 5.01 14.41 -1.72
N PHE A 111 5.34 13.50 -0.82
CA PHE A 111 5.79 12.18 -1.21
C PHE A 111 4.63 11.50 -1.95
N ASP A 112 3.42 11.65 -1.43
CA ASP A 112 2.26 11.05 -2.07
C ASP A 112 2.02 11.64 -3.46
N ARG A 113 2.63 12.79 -3.74
CA ARG A 113 2.44 13.43 -5.05
C ARG A 113 3.67 13.26 -5.94
N ALA A 114 4.47 12.24 -5.63
CA ALA A 114 5.68 11.94 -6.38
C ALA A 114 5.48 11.98 -7.89
N SER A 115 4.28 11.64 -8.36
CA SER A 115 4.06 11.65 -9.80
C SER A 115 4.22 13.06 -10.37
N GLU A 116 4.18 14.07 -9.51
CA GLU A 116 4.26 15.44 -9.98
C GLU A 116 5.65 16.02 -10.20
N TYR A 117 6.67 15.21 -9.92
CA TYR A 117 8.05 15.62 -10.10
C TYR A 117 8.84 14.37 -10.43
N GLN A 118 10.15 14.38 -10.19
CA GLN A 118 10.97 13.21 -10.49
C GLN A 118 11.49 12.52 -9.22
N LEU A 119 10.90 11.40 -8.85
CA LEU A 119 11.34 10.69 -7.67
C LEU A 119 11.68 9.24 -8.00
N ASN A 120 12.73 8.74 -7.37
CA ASN A 120 13.20 7.37 -7.56
C ASN A 120 12.13 6.40 -7.12
N ASP A 121 12.05 5.26 -7.80
CA ASP A 121 11.08 4.26 -7.44
C ASP A 121 11.26 3.86 -5.96
N SER A 122 12.50 3.63 -5.56
CA SER A 122 12.79 3.21 -4.19
C SER A 122 12.78 4.26 -3.09
N ALA A 123 12.34 5.48 -3.38
CA ALA A 123 12.31 6.51 -2.33
C ALA A 123 11.66 6.02 -1.04
N GLY A 124 10.40 5.59 -1.14
CA GLY A 124 9.70 5.14 0.04
C GLY A 124 10.26 3.89 0.66
N TYR A 125 10.95 3.07 -0.13
CA TYR A 125 11.52 1.84 0.40
C TYR A 125 12.60 2.11 1.43
N TYR A 126 13.55 2.95 1.03
CA TYR A 126 14.68 3.33 1.89
C TYR A 126 14.27 4.29 2.97
N LEU A 127 13.66 5.41 2.58
CA LEU A 127 13.23 6.39 3.56
C LEU A 127 12.44 5.81 4.72
N SER A 128 11.58 4.84 4.43
CA SER A 128 10.73 4.22 5.45
C SER A 128 11.52 3.48 6.51
N ASP A 129 12.68 3.00 6.12
CA ASP A 129 13.52 2.21 7.00
C ASP A 129 14.96 2.72 7.06
N LEU A 130 15.10 4.04 7.11
CA LEU A 130 16.41 4.65 7.17
C LEU A 130 17.18 4.18 8.40
N GLU A 131 16.50 4.11 9.55
CA GLU A 131 17.16 3.68 10.79
C GLU A 131 17.90 2.35 10.61
N ARG A 132 17.28 1.38 9.95
CA ARG A 132 17.94 0.08 9.73
C ARG A 132 19.20 0.23 8.87
N LEU A 133 19.13 1.09 7.86
CA LEU A 133 20.24 1.34 6.94
C LEU A 133 21.44 2.01 7.57
N VAL A 134 21.23 2.81 8.61
CA VAL A 134 22.35 3.50 9.25
C VAL A 134 22.73 2.88 10.59
N THR A 135 22.24 1.68 10.85
CA THR A 135 22.56 0.98 12.10
C THR A 135 23.96 0.37 11.99
N PRO A 136 24.85 0.71 12.93
CA PRO A 136 26.22 0.17 12.91
C PRO A 136 26.22 -1.32 12.59
N GLY A 137 27.07 -1.70 11.64
CA GLY A 137 27.14 -3.11 11.25
C GLY A 137 26.21 -3.39 10.08
N TYR A 138 25.56 -2.35 9.58
CA TYR A 138 24.64 -2.52 8.46
C TYR A 138 25.29 -3.18 7.25
N VAL A 139 24.58 -4.14 6.67
CA VAL A 139 25.01 -4.88 5.48
C VAL A 139 23.76 -5.02 4.63
N PRO A 140 23.78 -4.51 3.38
CA PRO A 140 22.62 -4.59 2.51
C PRO A 140 22.04 -6.00 2.37
N THR A 141 20.73 -6.07 2.24
CA THR A 141 20.01 -7.33 2.06
C THR A 141 19.81 -7.43 0.55
N GLU A 142 19.55 -8.61 0.03
CA GLU A 142 19.33 -8.77 -1.41
C GLU A 142 18.35 -7.70 -1.89
N GLN A 143 17.16 -7.67 -1.28
CA GLN A 143 16.17 -6.69 -1.65
C GLN A 143 16.75 -5.27 -1.63
N ASP A 144 17.61 -4.96 -0.65
CA ASP A 144 18.22 -3.63 -0.60
C ASP A 144 19.04 -3.41 -1.86
N VAL A 145 19.77 -4.45 -2.27
CA VAL A 145 20.59 -4.36 -3.47
C VAL A 145 19.68 -4.24 -4.67
N LEU A 146 18.69 -5.12 -4.76
CA LEU A 146 17.75 -5.11 -5.87
C LEU A 146 17.07 -3.75 -6.05
N ARG A 147 16.81 -3.10 -4.94
CA ARG A 147 16.15 -1.81 -4.94
C ARG A 147 17.07 -0.65 -5.32
N SER A 148 18.39 -0.87 -5.26
CA SER A 148 19.36 0.19 -5.57
C SER A 148 19.20 0.73 -7.00
N ARG A 149 19.45 2.02 -7.17
CA ARG A 149 19.31 2.67 -8.47
C ARG A 149 20.62 3.28 -8.97
N VAL A 150 20.98 2.92 -10.20
CA VAL A 150 22.19 3.41 -10.87
C VAL A 150 21.84 3.54 -12.35
N LYS A 151 21.89 4.75 -12.91
CA LYS A 151 21.57 4.88 -14.33
C LYS A 151 22.65 4.14 -15.11
N THR A 152 22.28 3.19 -15.96
CA THR A 152 23.30 2.48 -16.73
C THR A 152 23.49 3.12 -18.09
N THR A 153 24.74 3.19 -18.53
CA THR A 153 25.07 3.79 -19.81
C THR A 153 25.84 2.78 -20.65
N GLY A 154 25.51 2.72 -21.94
CA GLY A 154 26.18 1.78 -22.81
C GLY A 154 25.50 0.42 -22.94
N ILE A 155 26.32 -0.59 -23.21
CA ILE A 155 25.86 -1.95 -23.38
C ILE A 155 26.78 -2.86 -22.59
N ILE A 156 26.19 -3.66 -21.69
CA ILE A 156 26.95 -4.58 -20.84
C ILE A 156 26.44 -6.01 -20.97
N GLU A 157 27.37 -6.95 -21.19
CA GLU A 157 27.01 -8.35 -21.31
C GLU A 157 27.31 -9.11 -20.04
N THR A 158 26.41 -10.04 -19.72
CA THR A 158 26.56 -10.89 -18.57
C THR A 158 26.21 -12.28 -19.09
N GLN A 159 26.98 -13.29 -18.68
CA GLN A 159 26.76 -14.65 -19.16
C GLN A 159 26.53 -15.67 -18.07
N PHE A 160 25.58 -16.58 -18.34
CA PHE A 160 25.26 -17.64 -17.41
C PHE A 160 24.67 -18.83 -18.16
N SER A 161 24.74 -20.00 -17.54
CA SER A 161 24.20 -21.20 -18.13
C SER A 161 22.90 -21.57 -17.41
N PHE A 162 21.98 -22.19 -18.13
CA PHE A 162 20.71 -22.59 -17.55
C PHE A 162 19.96 -23.51 -18.52
N LYS A 163 19.43 -24.62 -17.99
CA LYS A 163 18.74 -25.61 -18.81
C LYS A 163 19.58 -25.93 -20.05
N ASP A 164 20.89 -26.10 -19.80
CA ASP A 164 21.85 -26.43 -20.83
C ASP A 164 21.87 -25.43 -21.98
N LEU A 165 21.70 -24.17 -21.64
CA LEU A 165 21.72 -23.11 -22.63
C LEU A 165 22.69 -22.05 -22.13
N ASN A 166 23.58 -21.60 -23.03
CA ASN A 166 24.53 -20.56 -22.65
C ASN A 166 23.90 -19.23 -23.01
N PHE A 167 23.44 -18.50 -22.00
CA PHE A 167 22.81 -17.21 -22.23
C PHE A 167 23.82 -16.09 -22.31
N ARG A 168 23.74 -15.31 -23.38
CA ARG A 168 24.58 -14.14 -23.56
C ARG A 168 23.54 -13.02 -23.47
N MET A 169 23.40 -12.45 -22.28
CA MET A 169 22.42 -11.41 -22.03
C MET A 169 23.00 -10.01 -22.11
N PHE A 170 22.40 -9.18 -22.95
CA PHE A 170 22.85 -7.81 -23.13
C PHE A 170 21.89 -6.78 -22.55
N ASP A 171 22.42 -5.98 -21.62
CA ASP A 171 21.66 -4.95 -20.94
C ASP A 171 22.11 -3.60 -21.51
N VAL A 172 21.15 -2.75 -21.88
CA VAL A 172 21.45 -1.46 -22.47
C VAL A 172 20.92 -0.30 -21.62
N GLY A 173 21.08 0.92 -22.12
CA GLY A 173 20.60 2.09 -21.42
C GLY A 173 19.25 2.41 -22.02
N GLY A 174 18.34 3.00 -21.26
CA GLY A 174 17.02 3.29 -21.79
C GLY A 174 16.70 4.71 -22.20
N GLN A 175 17.51 5.68 -21.76
CA GLN A 175 17.25 7.06 -22.11
C GLN A 175 17.44 7.28 -23.62
N ARG A 176 16.68 8.20 -24.18
CA ARG A 176 16.75 8.45 -25.61
C ARG A 176 18.12 8.47 -26.24
N SER A 177 19.08 9.15 -25.61
CA SER A 177 20.43 9.24 -26.16
C SER A 177 21.14 7.89 -26.26
N GLU A 178 20.75 6.92 -25.44
CA GLU A 178 21.39 5.61 -25.46
C GLU A 178 20.86 4.68 -26.55
N ARG A 179 19.60 4.88 -26.94
CA ARG A 179 18.98 4.02 -27.94
C ARG A 179 19.66 3.94 -29.31
N LYS A 180 20.32 5.00 -29.73
CA LYS A 180 20.99 4.97 -31.03
C LYS A 180 22.12 3.95 -31.02
N LYS A 181 22.50 3.47 -29.85
CA LYS A 181 23.58 2.48 -29.69
C LYS A 181 23.05 1.05 -29.76
N TRP A 182 21.74 0.90 -29.70
CA TRP A 182 21.15 -0.44 -29.71
C TRP A 182 21.44 -1.19 -31.00
N ILE A 183 21.41 -0.49 -32.13
CA ILE A 183 21.65 -1.09 -33.43
C ILE A 183 22.88 -2.01 -33.45
N HIS A 184 23.82 -1.80 -32.54
CA HIS A 184 25.03 -2.63 -32.49
C HIS A 184 24.80 -4.04 -31.98
N CYS A 185 23.59 -4.38 -31.53
CA CYS A 185 23.36 -5.71 -31.00
C CYS A 185 22.25 -6.50 -31.68
N PHE A 186 21.58 -5.86 -32.63
CA PHE A 186 20.48 -6.47 -33.36
C PHE A 186 20.78 -7.75 -34.13
N GLU A 187 22.04 -7.99 -34.47
CA GLU A 187 22.39 -9.18 -35.25
C GLU A 187 22.42 -10.44 -34.42
N GLY A 188 21.64 -11.45 -34.83
CA GLY A 188 21.61 -12.72 -34.13
C GLY A 188 20.87 -12.73 -32.80
N VAL A 189 19.84 -11.90 -32.68
CA VAL A 189 19.07 -11.84 -31.45
C VAL A 189 18.12 -13.03 -31.35
N THR A 190 18.34 -13.88 -30.36
CA THR A 190 17.50 -15.05 -30.17
C THR A 190 16.19 -14.65 -29.51
N ALA A 191 16.28 -13.73 -28.55
CA ALA A 191 15.08 -13.29 -27.85
C ALA A 191 15.25 -11.92 -27.21
N ILE A 192 14.16 -11.16 -27.16
CA ILE A 192 14.16 -9.82 -26.57
C ILE A 192 13.19 -9.76 -25.40
N ILE A 193 13.70 -9.37 -24.24
CA ILE A 193 12.85 -9.19 -23.07
C ILE A 193 12.64 -7.70 -23.06
N PHE A 194 11.42 -7.23 -23.30
CA PHE A 194 11.17 -5.79 -23.31
C PHE A 194 10.43 -5.38 -22.03
N CYS A 195 11.04 -4.48 -21.27
CA CYS A 195 10.47 -4.02 -20.02
C CYS A 195 9.63 -2.77 -20.19
N VAL A 196 8.48 -2.75 -19.53
CA VAL A 196 7.57 -1.62 -19.56
C VAL A 196 7.16 -1.31 -18.11
N ALA A 197 7.35 -0.08 -17.65
CA ALA A 197 6.98 0.25 -16.28
C ALA A 197 5.47 0.50 -16.20
N LEU A 198 4.73 -0.46 -15.65
CA LEU A 198 3.28 -0.31 -15.53
C LEU A 198 2.93 0.96 -14.78
N SER A 199 3.77 1.34 -13.82
CA SER A 199 3.53 2.54 -13.00
C SER A 199 3.88 3.88 -13.66
N ASP A 200 4.31 3.85 -14.92
CA ASP A 200 4.66 5.05 -15.67
C ASP A 200 3.47 5.80 -16.26
N TYR A 201 2.26 5.31 -16.07
CA TYR A 201 1.11 5.96 -16.69
C TYR A 201 0.81 7.39 -16.29
N ASP A 202 1.27 7.82 -15.13
CA ASP A 202 1.01 9.19 -14.71
C ASP A 202 2.30 9.96 -14.45
N LEU A 203 3.40 9.45 -15.00
CA LEU A 203 4.71 10.08 -14.83
C LEU A 203 5.18 10.68 -16.14
N VAL A 204 6.18 11.56 -16.06
CA VAL A 204 6.75 12.18 -17.27
C VAL A 204 8.22 11.79 -17.36
N LEU A 205 8.76 11.81 -18.58
CA LEU A 205 10.15 11.43 -18.83
C LEU A 205 11.19 12.31 -18.15
N ALA A 206 12.34 11.73 -17.81
CA ALA A 206 13.41 12.52 -17.21
C ALA A 206 14.03 13.37 -18.33
N GLU A 207 13.98 12.83 -19.57
CA GLU A 207 14.54 13.54 -20.73
C GLU A 207 13.68 14.73 -21.16
N ASP A 208 12.38 14.61 -21.01
CA ASP A 208 11.42 15.65 -21.41
C ASP A 208 10.22 15.57 -20.48
N GLU A 209 10.12 16.51 -19.53
CA GLU A 209 9.02 16.48 -18.59
C GLU A 209 7.65 16.84 -19.18
N GLU A 210 7.58 16.87 -20.51
CA GLU A 210 6.33 17.16 -21.22
C GLU A 210 5.76 15.86 -21.74
N MET A 211 6.62 14.85 -21.83
CA MET A 211 6.22 13.56 -22.36
C MET A 211 5.87 12.54 -21.28
N ASN A 212 4.73 11.88 -21.46
CA ASN A 212 4.26 10.88 -20.53
C ASN A 212 5.17 9.67 -20.68
N ARG A 213 5.58 9.05 -19.57
CA ARG A 213 6.48 7.92 -19.63
C ARG A 213 5.95 6.69 -20.36
N MET A 214 4.66 6.41 -20.25
CA MET A 214 4.11 5.25 -20.91
C MET A 214 3.96 5.49 -22.42
N HIS A 215 3.56 6.70 -22.80
CA HIS A 215 3.45 7.02 -24.22
C HIS A 215 4.85 6.81 -24.81
N GLU A 216 5.87 7.30 -24.11
CA GLU A 216 7.25 7.13 -24.59
C GLU A 216 7.53 5.65 -24.72
N SER A 217 7.12 4.87 -23.73
CA SER A 217 7.33 3.43 -23.75
C SER A 217 6.62 2.77 -24.92
N MET A 218 5.39 3.21 -25.18
CA MET A 218 4.61 2.66 -26.29
C MET A 218 5.28 2.95 -27.63
N LYS A 219 5.81 4.17 -27.78
CA LYS A 219 6.48 4.54 -29.03
C LYS A 219 7.71 3.68 -29.21
N LEU A 220 8.40 3.42 -28.11
CA LEU A 220 9.62 2.63 -28.18
C LEU A 220 9.29 1.20 -28.55
N PHE A 221 8.42 0.56 -27.79
CA PHE A 221 8.08 -0.83 -28.10
C PHE A 221 7.55 -0.96 -29.54
N ASP A 222 6.70 -0.03 -29.96
CA ASP A 222 6.16 -0.04 -31.32
C ASP A 222 7.29 -0.15 -32.35
N SER A 223 8.34 0.62 -32.13
CA SER A 223 9.50 0.65 -33.02
C SER A 223 10.34 -0.61 -32.93
N ILE A 224 10.42 -1.21 -31.76
CA ILE A 224 11.22 -2.42 -31.62
C ILE A 224 10.55 -3.68 -32.15
N CYS A 225 9.37 -4.02 -31.63
CA CYS A 225 8.70 -5.24 -32.05
C CYS A 225 8.44 -5.29 -33.56
N ASN A 226 8.47 -4.14 -34.21
CA ASN A 226 8.27 -4.07 -35.67
C ASN A 226 9.60 -3.72 -36.35
N ASN A 227 10.56 -4.62 -36.26
CA ASN A 227 11.87 -4.40 -36.86
C ASN A 227 12.38 -5.66 -37.52
N LYS A 228 12.71 -5.51 -38.80
CA LYS A 228 13.21 -6.58 -39.65
C LYS A 228 14.21 -7.51 -38.96
N TRP A 229 14.97 -6.97 -38.01
CA TRP A 229 15.98 -7.77 -37.31
C TRP A 229 15.42 -8.72 -36.25
N PHE A 230 14.11 -8.70 -36.02
CA PHE A 230 13.57 -9.57 -34.99
C PHE A 230 12.44 -10.52 -35.36
N THR A 231 12.01 -10.49 -36.63
CA THR A 231 10.91 -11.36 -37.07
C THR A 231 11.09 -12.83 -36.70
N ASP A 232 12.35 -13.24 -36.53
CA ASP A 232 12.68 -14.62 -36.15
C ASP A 232 13.28 -14.64 -34.73
N THR A 233 12.98 -13.59 -33.97
CA THR A 233 13.45 -13.44 -32.58
C THR A 233 12.28 -13.51 -31.60
N SER A 234 12.49 -14.20 -30.48
CA SER A 234 11.44 -14.34 -29.48
C SER A 234 11.25 -13.00 -28.73
N ILE A 235 10.03 -12.47 -28.74
CA ILE A 235 9.75 -11.21 -28.04
C ILE A 235 8.82 -11.36 -26.84
N ILE A 236 9.38 -11.25 -25.64
CA ILE A 236 8.60 -11.34 -24.41
C ILE A 236 8.47 -9.97 -23.75
N LEU A 237 7.23 -9.60 -23.45
CA LEU A 237 6.92 -8.32 -22.82
C LEU A 237 6.82 -8.45 -21.30
N PHE A 238 7.62 -7.67 -20.58
CA PHE A 238 7.58 -7.67 -19.11
C PHE A 238 6.84 -6.45 -18.59
N LEU A 239 5.53 -6.58 -18.34
CA LEU A 239 4.80 -5.45 -17.78
C LEU A 239 5.29 -5.41 -16.34
N ASN A 240 6.24 -4.52 -16.10
CA ASN A 240 6.90 -4.44 -14.80
C ASN A 240 6.42 -3.47 -13.73
N LYS A 241 6.87 -3.72 -12.51
CA LYS A 241 6.51 -2.91 -11.36
C LYS A 241 5.04 -3.11 -11.07
N LYS A 242 4.62 -4.37 -11.11
CA LYS A 242 3.24 -4.68 -10.79
C LYS A 242 2.97 -4.18 -9.36
N ASP A 243 3.89 -4.48 -8.44
CA ASP A 243 3.69 -4.11 -7.05
C ASP A 243 3.48 -2.64 -6.80
N LEU A 244 4.15 -1.81 -7.59
CA LEU A 244 3.99 -0.37 -7.41
C LEU A 244 2.71 0.02 -8.14
N PHE A 245 2.47 -0.64 -9.26
CA PHE A 245 1.29 -0.36 -10.07
C PHE A 245 -0.03 -0.72 -9.37
N GLU A 246 -0.08 -1.85 -8.68
CA GLU A 246 -1.33 -2.20 -8.01
C GLU A 246 -1.68 -1.23 -6.87
N GLU A 247 -0.72 -0.44 -6.44
CA GLU A 247 -0.97 0.53 -5.36
C GLU A 247 -1.40 1.89 -5.90
N LYS A 248 -0.69 2.45 -6.87
CA LYS A 248 -1.08 3.76 -7.35
C LYS A 248 -2.32 3.73 -8.22
N ILE A 249 -2.66 2.58 -8.76
CA ILE A 249 -3.86 2.50 -9.57
C ILE A 249 -5.09 2.69 -8.68
N LYS A 250 -4.90 2.65 -7.37
CA LYS A 250 -6.03 2.83 -6.45
C LYS A 250 -6.28 4.30 -6.15
N LYS A 251 -5.27 5.13 -6.38
CA LYS A 251 -5.35 6.58 -6.11
C LYS A 251 -5.20 7.47 -7.34
N SER A 252 -4.61 6.93 -8.40
CA SER A 252 -4.36 7.69 -9.62
C SER A 252 -4.99 6.97 -10.80
N PRO A 253 -6.03 7.57 -11.41
CA PRO A 253 -6.82 7.09 -12.56
C PRO A 253 -5.98 6.90 -13.80
N LEU A 254 -6.16 5.77 -14.47
CA LEU A 254 -5.42 5.48 -15.68
C LEU A 254 -5.86 6.37 -16.82
N THR A 255 -6.95 7.11 -16.63
CA THR A 255 -7.43 8.00 -17.68
C THR A 255 -6.40 9.12 -17.90
N ILE A 256 -5.41 9.18 -17.02
CA ILE A 256 -4.38 10.21 -17.17
C ILE A 256 -3.49 9.86 -18.37
N CYS A 257 -3.39 8.57 -18.64
CA CYS A 257 -2.58 8.10 -19.75
C CYS A 257 -3.47 7.82 -20.96
N TYR A 258 -4.61 7.21 -20.69
CA TYR A 258 -5.57 6.87 -21.72
C TYR A 258 -6.91 7.51 -21.36
N PRO A 259 -7.22 8.65 -21.97
CA PRO A 259 -8.49 9.33 -21.66
C PRO A 259 -9.74 8.48 -21.90
N GLU A 260 -9.65 7.58 -22.87
CA GLU A 260 -10.79 6.74 -23.26
C GLU A 260 -11.07 5.55 -22.36
N TYR A 261 -10.14 5.24 -21.47
CA TYR A 261 -10.32 4.10 -20.56
C TYR A 261 -11.55 4.34 -19.72
N ALA A 262 -12.46 3.37 -19.69
CA ALA A 262 -13.69 3.51 -18.90
C ALA A 262 -13.84 2.36 -17.92
N GLY A 263 -12.84 1.47 -17.91
CA GLY A 263 -12.88 0.34 -17.00
C GLY A 263 -12.54 0.81 -15.60
N SER A 264 -12.61 -0.08 -14.63
CA SER A 264 -12.31 0.28 -13.25
C SER A 264 -10.81 0.46 -13.06
N ASN A 265 -10.42 1.29 -12.09
CA ASN A 265 -9.02 1.50 -11.83
C ASN A 265 -8.64 0.48 -10.76
N THR A 266 -8.31 -0.72 -11.21
CA THR A 266 -7.92 -1.78 -10.31
C THR A 266 -6.82 -2.51 -11.06
N TYR A 267 -5.91 -3.14 -10.32
CA TYR A 267 -4.80 -3.85 -10.96
C TYR A 267 -5.23 -4.64 -12.19
N GLU A 268 -6.16 -5.57 -11.99
CA GLU A 268 -6.65 -6.46 -13.07
C GLU A 268 -7.12 -5.79 -14.36
N GLU A 269 -8.14 -4.95 -14.26
CA GLU A 269 -8.70 -4.27 -15.43
C GLU A 269 -7.78 -3.25 -16.11
N ALA A 270 -7.17 -2.38 -15.31
CA ALA A 270 -6.29 -1.36 -15.85
C ALA A 270 -5.05 -2.04 -16.35
N GLY A 271 -4.64 -3.08 -15.63
CA GLY A 271 -3.45 -3.81 -16.01
C GLY A 271 -3.62 -4.42 -17.38
N ASN A 272 -4.76 -5.09 -17.61
CA ASN A 272 -5.01 -5.71 -18.90
C ASN A 272 -5.18 -4.65 -19.98
N TYR A 273 -5.78 -3.50 -19.64
CA TYR A 273 -5.94 -2.46 -20.66
C TYR A 273 -4.59 -2.01 -21.17
N ILE A 274 -3.63 -1.85 -20.27
CA ILE A 274 -2.30 -1.44 -20.66
C ILE A 274 -1.65 -2.57 -21.49
N LYS A 275 -1.84 -3.80 -21.03
CA LYS A 275 -1.30 -4.97 -21.73
C LYS A 275 -1.73 -4.97 -23.20
N VAL A 276 -3.02 -4.77 -23.43
CA VAL A 276 -3.58 -4.75 -24.77
C VAL A 276 -3.01 -3.63 -25.65
N GLN A 277 -2.94 -2.40 -25.12
CA GLN A 277 -2.40 -1.28 -25.91
C GLN A 277 -1.02 -1.54 -26.46
N PHE A 278 -0.22 -2.32 -25.75
CA PHE A 278 1.12 -2.64 -26.20
C PHE A 278 1.13 -3.80 -27.19
N LEU A 279 0.38 -4.86 -26.91
CA LEU A 279 0.37 -6.00 -27.81
C LEU A 279 -0.23 -5.64 -29.15
N GLU A 280 -1.19 -4.72 -29.13
CA GLU A 280 -1.83 -4.28 -30.36
C GLU A 280 -0.99 -3.34 -31.21
N LEU A 281 0.30 -3.22 -30.90
CA LEU A 281 1.19 -2.35 -31.67
C LEU A 281 1.88 -3.17 -32.74
N ASN A 282 1.76 -4.49 -32.61
CA ASN A 282 2.37 -5.46 -33.52
C ASN A 282 1.70 -5.49 -34.90
N MET A 283 2.50 -5.31 -35.96
CA MET A 283 1.99 -5.32 -37.34
C MET A 283 1.82 -6.73 -37.87
N ARG A 284 2.66 -7.65 -37.40
CA ARG A 284 2.59 -9.03 -37.86
C ARG A 284 2.27 -10.10 -36.81
N ARG A 285 1.50 -9.75 -35.77
CA ARG A 285 1.16 -10.72 -34.72
C ARG A 285 0.48 -11.92 -35.32
N ASP A 286 0.15 -11.80 -36.61
CA ASP A 286 -0.48 -12.86 -37.36
C ASP A 286 0.43 -14.09 -37.31
N VAL A 287 1.69 -13.87 -37.68
CA VAL A 287 2.70 -14.93 -37.70
C VAL A 287 3.56 -14.99 -36.44
N LYS A 288 3.85 -13.81 -35.86
CA LYS A 288 4.69 -13.71 -34.68
C LYS A 288 3.92 -13.27 -33.43
N GLU A 289 3.86 -14.16 -32.44
CA GLU A 289 3.16 -13.87 -31.20
C GLU A 289 4.11 -13.25 -30.18
N ILE A 290 3.56 -12.38 -29.34
CA ILE A 290 4.38 -11.74 -28.31
C ILE A 290 3.81 -12.18 -26.98
N TYR A 291 4.65 -12.82 -26.17
CA TYR A 291 4.21 -13.28 -24.86
C TYR A 291 4.42 -12.13 -23.88
N SER A 292 3.67 -12.14 -22.79
CA SER A 292 3.78 -11.09 -21.79
C SER A 292 3.47 -11.62 -20.39
N HIS A 293 4.27 -11.18 -19.42
CA HIS A 293 4.10 -11.55 -18.03
C HIS A 293 4.03 -10.31 -17.16
N MET A 294 3.21 -10.34 -16.10
CA MET A 294 3.14 -9.21 -15.19
C MET A 294 4.31 -9.50 -14.25
N THR A 295 5.25 -8.57 -14.15
CA THR A 295 6.43 -8.82 -13.34
C THR A 295 6.79 -7.77 -12.30
N CYS A 296 7.58 -8.21 -11.33
CA CYS A 296 8.09 -7.35 -10.27
C CYS A 296 9.59 -7.73 -10.24
N ALA A 297 10.38 -7.02 -11.05
CA ALA A 297 11.82 -7.28 -11.17
C ALA A 297 12.57 -7.37 -9.86
N THR A 298 12.06 -6.75 -8.81
CA THR A 298 12.72 -6.77 -7.50
C THR A 298 12.38 -8.02 -6.72
N ASP A 299 11.41 -8.78 -7.22
CA ASP A 299 10.94 -10.00 -6.55
C ASP A 299 11.60 -11.23 -7.17
N THR A 300 12.61 -11.77 -6.51
CA THR A 300 13.33 -12.93 -7.02
C THR A 300 12.48 -14.12 -7.43
N GLN A 301 11.47 -14.47 -6.63
CA GLN A 301 10.60 -15.61 -6.95
C GLN A 301 9.85 -15.36 -8.25
N ASN A 302 9.24 -14.20 -8.36
CA ASN A 302 8.49 -13.87 -9.56
C ASN A 302 9.45 -13.92 -10.75
N VAL A 303 10.62 -13.31 -10.61
CA VAL A 303 11.57 -13.30 -11.71
C VAL A 303 12.10 -14.70 -12.05
N LYS A 304 12.38 -15.51 -11.03
CA LYS A 304 12.87 -16.86 -11.29
C LYS A 304 11.80 -17.63 -12.04
N PHE A 305 10.54 -17.40 -11.67
CA PHE A 305 9.40 -18.07 -12.30
C PHE A 305 9.29 -17.63 -13.75
N VAL A 306 9.17 -16.32 -13.94
CA VAL A 306 9.02 -15.74 -15.27
C VAL A 306 10.17 -16.08 -16.21
N PHE A 307 11.40 -16.10 -15.70
CA PHE A 307 12.53 -16.41 -16.56
C PHE A 307 12.52 -17.90 -16.95
N ASP A 308 11.92 -18.73 -16.12
CA ASP A 308 11.85 -20.15 -16.42
C ASP A 308 10.89 -20.31 -17.61
N ALA A 309 9.81 -19.53 -17.58
CA ALA A 309 8.81 -19.56 -18.63
C ALA A 309 9.39 -18.98 -19.92
N VAL A 310 10.18 -17.93 -19.77
CA VAL A 310 10.81 -17.29 -20.93
C VAL A 310 11.72 -18.31 -21.56
N THR A 311 12.45 -19.03 -20.72
CA THR A 311 13.37 -20.06 -21.18
C THR A 311 12.65 -21.18 -21.91
N ASP A 312 11.44 -21.52 -21.48
CA ASP A 312 10.70 -22.57 -22.16
C ASP A 312 10.33 -22.09 -23.57
N ILE A 313 9.87 -20.84 -23.66
CA ILE A 313 9.49 -20.24 -24.93
C ILE A 313 10.66 -20.34 -25.90
N ILE A 314 11.83 -19.91 -25.44
CA ILE A 314 13.03 -19.98 -26.24
C ILE A 314 13.25 -21.42 -26.69
N ILE A 315 13.35 -22.33 -25.71
CA ILE A 315 13.54 -23.75 -25.97
C ILE A 315 12.56 -24.34 -26.98
N LYS A 316 11.30 -23.92 -26.91
CA LYS A 316 10.26 -24.41 -27.80
C LYS A 316 10.29 -23.79 -29.19
N GLU A 317 10.50 -22.48 -29.26
CA GLU A 317 10.56 -21.80 -30.56
C GLU A 317 11.79 -22.24 -31.33
N ASN A 318 12.73 -22.85 -30.63
CA ASN A 318 13.98 -23.32 -31.23
C ASN A 318 13.78 -24.64 -31.99
N LEU A 319 13.08 -25.58 -31.37
CA LEU A 319 12.83 -26.88 -32.00
C LEU A 319 11.70 -26.82 -33.03
N LYS A 320 11.72 -25.77 -33.85
CA LYS A 320 10.71 -25.58 -34.90
C LYS A 320 11.40 -25.10 -36.16
N LEU B 9 58.68 9.50 -24.66
CA LEU B 9 58.95 8.24 -23.90
C LEU B 9 57.64 7.56 -23.49
N VAL B 10 57.67 6.24 -23.36
CA VAL B 10 56.49 5.49 -22.96
C VAL B 10 56.15 5.84 -21.51
N ASP B 11 54.93 5.49 -21.10
CA ASP B 11 54.47 5.77 -19.74
C ASP B 11 53.95 4.49 -19.13
N ILE B 12 54.80 3.80 -18.37
CA ILE B 12 54.41 2.54 -17.74
C ILE B 12 54.24 2.68 -16.23
N PRO B 13 53.00 2.94 -15.79
CA PRO B 13 52.62 3.10 -14.39
C PRO B 13 53.18 2.02 -13.48
N THR B 14 53.45 2.38 -12.24
CA THR B 14 53.97 1.42 -11.27
C THR B 14 52.83 0.65 -10.63
N LYS B 15 53.16 -0.37 -9.85
CA LYS B 15 52.18 -1.18 -9.15
C LYS B 15 51.25 -0.27 -8.34
N MET B 16 51.84 0.51 -7.45
CA MET B 16 51.08 1.41 -6.59
C MET B 16 50.09 2.27 -7.36
N ARG B 17 50.60 3.02 -8.32
CA ARG B 17 49.81 3.90 -9.17
C ARG B 17 48.55 3.22 -9.71
N VAL B 18 48.73 2.08 -10.37
CA VAL B 18 47.60 1.34 -10.94
C VAL B 18 46.66 0.90 -9.83
N GLU B 19 47.24 0.49 -8.70
CA GLU B 19 46.47 0.05 -7.56
C GLU B 19 45.58 1.16 -7.01
N ARG B 20 46.09 2.39 -6.98
CA ARG B 20 45.32 3.50 -6.45
C ARG B 20 44.28 4.09 -7.41
N TRP B 21 44.10 3.46 -8.56
CA TRP B 21 43.08 3.91 -9.51
C TRP B 21 41.76 3.35 -9.00
N ALA B 22 41.89 2.37 -8.10
CA ALA B 22 40.74 1.70 -7.51
C ALA B 22 40.42 2.28 -6.12
N PHE B 23 41.14 3.33 -5.73
CA PHE B 23 40.88 3.94 -4.43
C PHE B 23 39.67 4.87 -4.55
N ASN B 24 39.56 5.53 -5.69
CA ASN B 24 38.45 6.43 -5.96
C ASN B 24 38.44 6.76 -7.46
N PHE B 25 37.25 6.99 -7.99
CA PHE B 25 37.11 7.29 -9.40
C PHE B 25 37.94 8.48 -9.86
N SER B 26 38.08 9.51 -9.03
CA SER B 26 38.83 10.67 -9.47
C SER B 26 40.30 10.32 -9.72
N GLU B 27 40.85 9.41 -8.92
CA GLU B 27 42.24 9.00 -9.10
C GLU B 27 42.46 8.37 -10.46
N LEU B 28 41.51 7.54 -10.90
CA LEU B 28 41.60 6.89 -12.20
C LEU B 28 41.45 7.86 -13.36
N ILE B 29 40.63 8.90 -13.17
CA ILE B 29 40.38 9.86 -14.23
C ILE B 29 41.31 11.07 -14.23
N ARG B 30 42.05 11.25 -13.15
CA ARG B 30 42.99 12.36 -13.06
C ARG B 30 44.34 11.91 -13.60
N ASP B 31 44.42 10.63 -13.94
CA ASP B 31 45.64 10.03 -14.48
C ASP B 31 45.43 9.80 -15.97
N PRO B 32 46.40 10.26 -16.80
CA PRO B 32 46.32 10.11 -18.26
C PRO B 32 46.27 8.65 -18.70
N LYS B 33 47.07 7.80 -18.05
CA LYS B 33 47.06 6.38 -18.38
C LYS B 33 45.80 5.74 -17.84
N GLY B 34 45.30 6.29 -16.74
CA GLY B 34 44.08 5.76 -16.16
C GLY B 34 42.98 5.97 -17.18
N ARG B 35 42.77 7.21 -17.58
CA ARG B 35 41.74 7.53 -18.56
C ARG B 35 41.93 6.68 -19.80
N GLN B 36 43.16 6.65 -20.31
CA GLN B 36 43.47 5.90 -21.50
C GLN B 36 43.05 4.44 -21.37
N SER B 37 43.31 3.85 -20.21
CA SER B 37 42.93 2.46 -19.99
C SER B 37 41.43 2.37 -19.77
N PHE B 38 40.87 3.43 -19.18
CA PHE B 38 39.45 3.50 -18.91
C PHE B 38 38.70 3.68 -20.22
N GLN B 39 39.32 4.34 -21.19
CA GLN B 39 38.68 4.55 -22.47
C GLN B 39 38.55 3.24 -23.23
N HIS B 40 39.54 2.37 -23.11
CA HIS B 40 39.47 1.10 -23.82
C HIS B 40 38.32 0.30 -23.25
N PHE B 41 37.98 0.59 -22.00
CA PHE B 41 36.89 -0.11 -21.32
C PHE B 41 35.53 0.38 -21.80
N LEU B 42 35.36 1.70 -21.81
CA LEU B 42 34.10 2.29 -22.24
C LEU B 42 33.80 1.96 -23.71
N ARG B 43 34.85 1.94 -24.52
CA ARG B 43 34.72 1.61 -25.93
C ARG B 43 34.04 0.25 -26.06
N LYS B 44 34.39 -0.68 -25.18
CA LYS B 44 33.79 -2.01 -25.22
C LYS B 44 32.33 -1.97 -24.79
N GLU B 45 32.01 -1.10 -23.83
CA GLU B 45 30.64 -0.99 -23.34
C GLU B 45 29.86 0.10 -24.10
N PHE B 46 30.46 0.57 -25.18
CA PHE B 46 29.83 1.59 -26.02
C PHE B 46 29.37 2.83 -25.26
N SER B 47 30.15 3.29 -24.29
CA SER B 47 29.78 4.48 -23.53
C SER B 47 30.99 5.41 -23.41
N GLY B 48 31.82 5.41 -24.45
CA GLY B 48 33.00 6.25 -24.43
C GLY B 48 32.69 7.72 -24.66
N GLU B 49 31.44 8.03 -24.99
CA GLU B 49 31.11 9.42 -25.23
C GLU B 49 31.16 10.24 -23.95
N ASN B 50 31.00 9.58 -22.81
CA ASN B 50 31.00 10.26 -21.53
C ASN B 50 32.37 10.76 -21.13
N LEU B 51 33.38 9.94 -21.32
CA LEU B 51 34.74 10.33 -20.99
C LEU B 51 35.22 11.40 -21.98
N GLY B 52 34.68 11.36 -23.19
CA GLY B 52 35.05 12.35 -24.17
C GLY B 52 34.45 13.69 -23.81
N PHE B 53 33.21 13.66 -23.33
CA PHE B 53 32.54 14.89 -22.95
C PHE B 53 33.25 15.51 -21.75
N TRP B 54 33.63 14.69 -20.79
CA TRP B 54 34.31 15.17 -19.60
C TRP B 54 35.60 15.92 -19.99
N GLU B 55 36.47 15.25 -20.74
CA GLU B 55 37.71 15.88 -21.19
C GLU B 55 37.38 17.20 -21.89
N ALA B 56 36.49 17.14 -22.88
CA ALA B 56 36.09 18.33 -23.62
C ALA B 56 35.78 19.46 -22.64
N CYS B 57 35.11 19.14 -21.54
CA CYS B 57 34.77 20.13 -20.55
C CYS B 57 36.03 20.74 -19.94
N GLU B 58 36.97 19.89 -19.55
CA GLU B 58 38.23 20.35 -18.98
C GLU B 58 38.90 21.30 -19.97
N ASP B 59 39.12 20.80 -21.19
CA ASP B 59 39.74 21.58 -22.26
C ASP B 59 39.04 22.91 -22.51
N LEU B 60 37.84 23.08 -21.99
CA LEU B 60 37.12 24.33 -22.18
C LEU B 60 37.45 25.27 -21.04
N LYS B 61 37.36 24.75 -19.82
CA LYS B 61 37.63 25.54 -18.63
C LYS B 61 39.12 25.88 -18.50
N TYR B 62 39.96 24.87 -18.72
CA TYR B 62 41.39 25.05 -18.57
C TYR B 62 42.16 25.11 -19.89
N GLY B 63 41.54 25.69 -20.91
CA GLY B 63 42.19 25.81 -22.21
C GLY B 63 42.22 27.25 -22.66
N ASP B 64 42.65 27.49 -23.89
CA ASP B 64 42.70 28.86 -24.40
C ASP B 64 41.33 29.54 -24.37
N GLN B 65 41.14 30.38 -23.35
CA GLN B 65 39.89 31.10 -23.16
C GLN B 65 39.53 32.00 -24.35
N SER B 66 40.41 32.06 -25.34
CA SER B 66 40.16 32.91 -26.50
C SER B 66 39.03 32.39 -27.40
N LYS B 67 38.83 31.07 -27.43
CA LYS B 67 37.81 30.48 -28.28
C LYS B 67 36.72 29.70 -27.55
N VAL B 68 36.38 30.11 -26.32
CA VAL B 68 35.34 29.44 -25.55
C VAL B 68 34.03 29.35 -26.33
N LYS B 69 33.54 30.51 -26.76
CA LYS B 69 32.31 30.59 -27.54
C LYS B 69 32.39 29.62 -28.71
N GLU B 70 33.61 29.36 -29.17
CA GLU B 70 33.83 28.46 -30.29
C GLU B 70 33.72 27.00 -29.85
N LYS B 71 34.42 26.66 -28.77
CA LYS B 71 34.40 25.29 -28.25
C LYS B 71 33.01 24.85 -27.81
N ALA B 72 32.47 25.51 -26.78
CA ALA B 72 31.14 25.18 -26.27
C ALA B 72 30.18 24.97 -27.43
N GLU B 73 30.19 25.92 -28.35
CA GLU B 73 29.36 25.90 -29.54
C GLU B 73 29.44 24.57 -30.30
N GLU B 74 30.64 24.02 -30.40
CA GLU B 74 30.83 22.76 -31.11
C GLU B 74 30.66 21.55 -30.20
N ILE B 75 30.80 21.78 -28.90
CA ILE B 75 30.63 20.70 -27.92
C ILE B 75 29.15 20.35 -27.90
N TYR B 76 28.33 21.39 -27.93
CA TYR B 76 26.88 21.24 -27.95
C TYR B 76 26.52 20.46 -29.21
N LYS B 77 27.19 20.78 -30.31
CA LYS B 77 26.91 20.15 -31.60
C LYS B 77 27.34 18.68 -31.64
N LEU B 78 28.38 18.33 -30.91
CA LEU B 78 28.88 16.97 -30.89
C LEU B 78 28.33 16.08 -29.76
N PHE B 79 28.04 16.66 -28.60
CA PHE B 79 27.56 15.87 -27.48
C PHE B 79 26.14 16.14 -26.96
N LEU B 80 25.65 17.37 -27.11
CA LEU B 80 24.33 17.74 -26.60
C LEU B 80 23.16 17.76 -27.57
N ALA B 81 23.40 18.24 -28.78
CA ALA B 81 22.33 18.32 -29.77
C ALA B 81 21.55 17.03 -29.95
N PRO B 82 20.25 17.13 -30.21
CA PRO B 82 19.38 15.96 -30.41
C PRO B 82 19.93 15.08 -31.54
N GLY B 83 20.15 13.80 -31.24
CA GLY B 83 20.66 12.90 -32.25
C GLY B 83 22.14 13.16 -32.53
N ALA B 84 22.76 14.01 -31.72
CA ALA B 84 24.18 14.32 -31.89
C ALA B 84 24.98 13.01 -31.96
N ARG B 85 26.10 13.04 -32.68
CA ARG B 85 26.91 11.85 -32.85
C ARG B 85 27.46 11.24 -31.55
N ARG B 86 27.84 12.08 -30.60
CA ARG B 86 28.35 11.56 -29.32
C ARG B 86 27.35 11.94 -28.22
N TRP B 87 26.07 11.91 -28.59
CA TRP B 87 24.97 12.26 -27.68
C TRP B 87 25.16 11.70 -26.29
N ILE B 88 25.15 12.58 -25.29
CA ILE B 88 25.33 12.15 -23.91
C ILE B 88 23.99 12.04 -23.19
N ASN B 89 23.98 11.18 -22.19
CA ASN B 89 22.82 10.87 -21.37
C ASN B 89 22.67 11.83 -20.18
N ILE B 90 21.96 12.93 -20.37
CA ILE B 90 21.73 13.83 -19.22
C ILE B 90 20.21 14.05 -19.11
N ASP B 91 19.74 14.47 -17.95
CA ASP B 91 18.31 14.67 -17.78
C ASP B 91 17.86 15.99 -18.38
N GLY B 92 16.55 16.15 -18.49
CA GLY B 92 16.00 17.37 -19.05
C GLY B 92 16.29 18.62 -18.23
N LYS B 93 16.28 18.50 -16.91
CA LYS B 93 16.57 19.65 -16.05
C LYS B 93 17.99 20.13 -16.38
N THR B 94 18.93 19.22 -16.20
CA THR B 94 20.34 19.49 -16.48
C THR B 94 20.56 19.95 -17.92
N MET B 95 19.69 19.52 -18.84
CA MET B 95 19.86 19.91 -20.23
C MET B 95 19.39 21.31 -20.54
N ASP B 96 18.34 21.76 -19.87
CA ASP B 96 17.81 23.10 -20.10
C ASP B 96 18.75 24.13 -19.51
N ILE B 97 19.17 23.91 -18.26
CA ILE B 97 20.07 24.81 -17.56
C ILE B 97 21.29 25.09 -18.44
N THR B 98 21.74 24.04 -19.11
CA THR B 98 22.90 24.12 -19.99
C THR B 98 22.61 24.92 -21.26
N VAL B 99 21.56 24.54 -22.00
CA VAL B 99 21.21 25.26 -23.22
C VAL B 99 20.95 26.75 -22.91
N LYS B 100 20.69 27.05 -21.65
CA LYS B 100 20.43 28.42 -21.24
C LYS B 100 21.74 29.20 -21.18
N GLY B 101 22.69 28.67 -20.43
CA GLY B 101 23.99 29.32 -20.30
C GLY B 101 24.73 29.43 -21.63
N LEU B 102 24.39 28.59 -22.60
CA LEU B 102 25.04 28.64 -23.91
C LEU B 102 24.54 29.81 -24.76
N LYS B 103 23.85 30.74 -24.11
CA LYS B 103 23.36 31.93 -24.80
C LYS B 103 24.37 33.03 -24.46
N HIS B 104 25.16 32.76 -23.41
CA HIS B 104 26.22 33.64 -22.93
C HIS B 104 27.32 32.68 -22.52
N PRO B 105 27.96 32.02 -23.51
CA PRO B 105 29.04 31.06 -23.29
C PRO B 105 30.19 31.60 -22.46
N HIS B 106 30.71 30.74 -21.59
CA HIS B 106 31.85 31.09 -20.74
C HIS B 106 32.49 29.80 -20.25
N ARG B 107 33.56 29.92 -19.45
CA ARG B 107 34.28 28.76 -18.96
C ARG B 107 33.51 27.68 -18.19
N TYR B 108 32.83 28.07 -17.12
CA TYR B 108 32.10 27.09 -16.31
C TYR B 108 30.63 26.90 -16.72
N VAL B 109 30.36 26.85 -18.01
CA VAL B 109 28.99 26.68 -18.49
C VAL B 109 28.53 25.21 -18.45
N LEU B 110 29.44 24.30 -18.76
CA LEU B 110 29.12 22.88 -18.77
C LEU B 110 29.22 22.23 -17.40
N ASP B 111 29.34 23.03 -16.35
CA ASP B 111 29.45 22.52 -14.99
C ASP B 111 28.38 21.48 -14.66
N ALA B 112 27.12 21.89 -14.74
CA ALA B 112 26.01 21.00 -14.44
C ALA B 112 26.10 19.73 -15.28
N ALA B 113 26.21 19.90 -16.59
CA ALA B 113 26.31 18.75 -17.49
C ALA B 113 27.48 17.87 -17.11
N GLN B 114 28.65 18.48 -16.88
CA GLN B 114 29.84 17.72 -16.52
C GLN B 114 29.69 16.95 -15.20
N THR B 115 29.16 17.61 -14.17
CA THR B 115 29.00 16.93 -12.89
C THR B 115 28.09 15.71 -13.08
N HIS B 116 27.11 15.85 -13.97
CA HIS B 116 26.17 14.76 -14.22
C HIS B 116 26.88 13.59 -14.87
N ILE B 117 27.52 13.84 -16.00
CA ILE B 117 28.22 12.77 -16.70
C ILE B 117 29.34 12.18 -15.82
N TYR B 118 29.88 12.99 -14.92
CA TYR B 118 30.93 12.49 -14.04
C TYR B 118 30.36 11.36 -13.17
N MET B 119 29.27 11.65 -12.48
CA MET B 119 28.62 10.66 -11.62
C MET B 119 28.09 9.48 -12.43
N LEU B 120 27.60 9.75 -13.64
CA LEU B 120 27.10 8.67 -14.44
C LEU B 120 28.21 7.60 -14.54
N MET B 121 29.39 8.02 -14.98
CA MET B 121 30.53 7.10 -15.10
C MET B 121 30.89 6.50 -13.74
N LYS B 122 31.06 7.37 -12.76
CA LYS B 122 31.46 6.94 -11.43
C LYS B 122 30.65 5.80 -10.82
N LYS B 123 29.32 5.88 -10.89
CA LYS B 123 28.44 4.86 -10.29
C LYS B 123 28.21 3.62 -11.13
N ASP B 124 28.19 3.79 -12.45
CA ASP B 124 27.93 2.68 -13.34
C ASP B 124 29.19 2.13 -14.01
N SER B 125 29.74 2.89 -14.93
CA SER B 125 30.93 2.46 -15.67
C SER B 125 32.11 2.09 -14.78
N TYR B 126 32.63 3.06 -14.04
CA TYR B 126 33.77 2.83 -13.17
C TYR B 126 33.71 1.48 -12.44
N ALA B 127 32.67 1.27 -11.65
CA ALA B 127 32.51 0.04 -10.89
C ALA B 127 32.91 -1.20 -11.68
N ARG B 128 32.32 -1.35 -12.87
CA ARG B 128 32.61 -2.53 -13.70
C ARG B 128 34.05 -2.57 -14.22
N TYR B 129 34.71 -1.41 -14.27
CA TYR B 129 36.08 -1.32 -14.76
C TYR B 129 37.07 -2.06 -13.84
N LEU B 130 37.04 -1.76 -12.55
CA LEU B 130 37.95 -2.41 -11.59
C LEU B 130 37.78 -3.92 -11.58
N LYS B 131 36.69 -4.40 -12.17
CA LYS B 131 36.41 -5.84 -12.21
C LYS B 131 36.84 -6.47 -13.54
N SER B 132 36.88 -5.67 -14.59
CA SER B 132 37.24 -6.14 -15.94
C SER B 132 38.67 -6.65 -16.08
N PRO B 133 38.94 -7.40 -17.16
CA PRO B 133 40.27 -7.94 -17.44
C PRO B 133 41.19 -6.78 -17.82
N ILE B 134 40.62 -5.79 -18.48
CA ILE B 134 41.36 -4.62 -18.93
C ILE B 134 42.02 -3.89 -17.76
N TYR B 135 41.62 -4.24 -16.54
CA TYR B 135 42.21 -3.61 -15.37
C TYR B 135 43.12 -4.61 -14.65
N LYS B 136 42.67 -5.86 -14.58
CA LYS B 136 43.46 -6.89 -13.92
C LYS B 136 44.83 -7.00 -14.58
N GLU B 137 44.86 -6.88 -15.90
CA GLU B 137 46.10 -6.97 -16.65
C GLU B 137 46.93 -5.72 -16.47
N MET B 138 46.27 -4.57 -16.46
CA MET B 138 46.97 -3.30 -16.27
C MET B 138 47.74 -3.42 -14.97
N LEU B 139 47.11 -4.08 -14.00
CA LEU B 139 47.69 -4.28 -12.68
C LEU B 139 48.76 -5.37 -12.69
N ALA B 140 48.55 -6.40 -13.50
CA ALA B 140 49.50 -7.50 -13.60
C ALA B 140 50.81 -7.01 -14.24
N LYS B 141 50.70 -6.05 -15.14
CA LYS B 141 51.85 -5.47 -15.82
C LYS B 141 52.39 -4.28 -15.03
N ALA B 142 52.24 -4.34 -13.70
CA ALA B 142 52.71 -3.26 -12.84
C ALA B 142 54.17 -3.42 -12.40
N ILE B 143 54.91 -2.32 -12.44
CA ILE B 143 56.33 -2.25 -12.07
C ILE B 143 56.64 -2.47 -10.58
N GLU B 144 57.43 -3.50 -10.29
CA GLU B 144 57.83 -3.83 -8.91
C GLU B 144 56.67 -4.02 -7.92
N THR C 4 -35.64 -16.44 34.74
CA THR C 4 -34.50 -15.76 34.02
C THR C 4 -34.16 -16.52 32.73
N VAL C 5 -34.12 -15.80 31.61
CA VAL C 5 -33.81 -16.43 30.33
C VAL C 5 -32.47 -16.00 29.73
N LYS C 6 -31.82 -16.93 29.06
CA LYS C 6 -30.53 -16.66 28.41
C LYS C 6 -30.79 -16.48 26.93
N LEU C 7 -30.48 -15.29 26.42
CA LEU C 7 -30.70 -15.02 25.02
C LEU C 7 -29.41 -14.59 24.33
N LEU C 8 -29.18 -15.17 23.15
CA LEU C 8 -28.00 -14.86 22.34
C LEU C 8 -28.38 -14.08 21.09
N LEU C 9 -27.57 -13.09 20.75
CA LEU C 9 -27.76 -12.32 19.53
C LEU C 9 -26.69 -12.86 18.59
N LEU C 10 -27.10 -13.61 17.57
CA LEU C 10 -26.16 -14.17 16.62
C LEU C 10 -26.45 -13.63 15.23
N GLY C 11 -25.47 -13.77 14.33
CA GLY C 11 -25.62 -13.30 12.97
C GLY C 11 -24.30 -12.71 12.47
N ALA C 12 -24.14 -12.67 11.15
CA ALA C 12 -22.93 -12.16 10.49
C ALA C 12 -22.68 -10.71 10.83
N GLY C 13 -21.53 -10.21 10.39
CA GLY C 13 -21.17 -8.84 10.67
C GLY C 13 -22.13 -7.84 10.04
N GLU C 14 -22.38 -6.76 10.77
CA GLU C 14 -23.26 -5.68 10.36
C GLU C 14 -24.73 -6.10 10.11
N SER C 15 -25.15 -7.21 10.72
CA SER C 15 -26.51 -7.69 10.54
C SER C 15 -27.57 -7.04 11.44
N GLY C 16 -27.15 -6.32 12.48
CA GLY C 16 -28.14 -5.66 13.34
C GLY C 16 -28.16 -5.99 14.81
N LYS C 17 -27.24 -6.86 15.24
CA LYS C 17 -27.14 -7.29 16.63
C LYS C 17 -27.01 -6.19 17.70
N SER C 18 -25.91 -5.45 17.69
CA SER C 18 -25.72 -4.39 18.70
C SER C 18 -26.80 -3.33 18.68
N THR C 19 -27.40 -3.14 17.50
CA THR C 19 -28.46 -2.15 17.38
C THR C 19 -29.65 -2.66 18.17
N ILE C 20 -30.00 -3.92 17.98
CA ILE C 20 -31.11 -4.50 18.74
C ILE C 20 -30.83 -4.23 20.22
N VAL C 21 -29.60 -4.47 20.65
CA VAL C 21 -29.20 -4.24 22.04
C VAL C 21 -29.41 -2.79 22.46
N LYS C 22 -29.15 -1.86 21.56
CA LYS C 22 -29.32 -0.45 21.89
C LYS C 22 -30.81 -0.21 22.17
N GLN C 23 -31.66 -0.86 21.39
CA GLN C 23 -33.10 -0.73 21.56
C GLN C 23 -33.48 -1.19 22.96
N MET C 24 -33.01 -2.38 23.35
CA MET C 24 -33.32 -2.90 24.69
C MET C 24 -32.97 -1.84 25.74
N LYS C 25 -31.87 -1.12 25.54
CA LYS C 25 -31.47 -0.10 26.50
C LYS C 25 -32.41 1.09 26.51
N ILE C 26 -33.10 1.32 25.40
CA ILE C 26 -34.05 2.43 25.30
C ILE C 26 -35.41 1.98 25.84
N ILE C 27 -35.86 0.83 25.37
CA ILE C 27 -37.16 0.25 25.73
C ILE C 27 -37.25 -0.44 27.10
N HIS C 28 -36.13 -0.89 27.64
CA HIS C 28 -36.17 -1.60 28.92
C HIS C 28 -35.12 -1.16 29.92
N GLN C 29 -34.29 -0.19 29.58
CA GLN C 29 -33.25 0.25 30.52
C GLN C 29 -33.20 1.74 30.74
N ASP C 30 -34.28 2.43 30.37
CA ASP C 30 -34.36 3.88 30.56
C ASP C 30 -33.34 4.67 29.72
N GLY C 31 -33.44 4.50 28.40
CA GLY C 31 -32.57 5.19 27.46
C GLY C 31 -31.14 5.51 27.87
N TYR C 32 -30.58 6.52 27.22
CA TYR C 32 -29.22 6.96 27.50
C TYR C 32 -29.25 8.30 28.22
N SER C 33 -28.16 8.61 28.94
CA SER C 33 -28.05 9.87 29.66
C SER C 33 -27.39 10.94 28.79
N LEU C 34 -27.66 12.21 29.09
CA LEU C 34 -27.09 13.30 28.33
C LEU C 34 -25.61 13.05 28.11
N GLU C 35 -24.91 12.78 29.20
CA GLU C 35 -23.48 12.50 29.17
C GLU C 35 -23.13 11.34 28.24
N GLU C 36 -24.09 10.42 28.07
CA GLU C 36 -23.91 9.26 27.20
C GLU C 36 -24.17 9.64 25.75
N CYS C 37 -25.35 10.23 25.48
CA CYS C 37 -25.65 10.63 24.13
C CYS C 37 -24.45 11.40 23.55
N LEU C 38 -23.93 12.36 24.31
CA LEU C 38 -22.80 13.15 23.87
C LEU C 38 -21.57 12.34 23.45
N GLU C 39 -21.42 11.15 24.01
CA GLU C 39 -20.27 10.31 23.66
C GLU C 39 -20.31 9.93 22.19
N PHE C 40 -21.49 9.60 21.70
CA PHE C 40 -21.68 9.20 20.32
C PHE C 40 -21.30 10.21 19.25
N ILE C 41 -21.02 11.45 19.64
CA ILE C 41 -20.64 12.47 18.67
C ILE C 41 -19.36 12.04 17.97
N ALA C 42 -18.36 11.67 18.77
CA ALA C 42 -17.08 11.25 18.24
C ALA C 42 -17.23 10.03 17.32
N ILE C 43 -18.18 9.15 17.63
CA ILE C 43 -18.42 7.96 16.83
C ILE C 43 -19.14 8.33 15.54
N ILE C 44 -20.04 9.31 15.65
CA ILE C 44 -20.82 9.77 14.52
C ILE C 44 -19.97 10.57 13.53
N TYR C 45 -19.09 11.42 14.05
CA TYR C 45 -18.22 12.21 13.19
C TYR C 45 -17.24 11.26 12.48
N GLY C 46 -16.92 10.15 13.14
CA GLY C 46 -16.02 9.15 12.56
C GLY C 46 -16.75 8.40 11.45
N ASN C 47 -17.96 7.92 11.73
CA ASN C 47 -18.75 7.21 10.72
C ASN C 47 -18.92 8.11 9.49
N THR C 48 -19.24 9.38 9.74
CA THR C 48 -19.46 10.32 8.65
C THR C 48 -18.19 10.54 7.81
N LEU C 49 -17.06 10.67 8.49
CA LEU C 49 -15.82 10.88 7.76
C LEU C 49 -15.43 9.64 6.95
N GLN C 50 -15.57 8.45 7.53
CA GLN C 50 -15.20 7.24 6.81
C GLN C 50 -16.16 6.91 5.66
N SER C 51 -17.45 7.17 5.86
CA SER C 51 -18.44 6.93 4.81
C SER C 51 -18.10 7.79 3.60
N ILE C 52 -17.83 9.08 3.81
CA ILE C 52 -17.51 9.91 2.66
C ILE C 52 -16.14 9.59 2.06
N LEU C 53 -15.20 9.09 2.87
CA LEU C 53 -13.88 8.76 2.32
C LEU C 53 -14.00 7.57 1.38
N ALA C 54 -14.81 6.59 1.77
CA ALA C 54 -15.04 5.40 0.96
C ALA C 54 -15.61 5.77 -0.38
N ILE C 55 -16.57 6.68 -0.36
CA ILE C 55 -17.20 7.12 -1.59
C ILE C 55 -16.20 7.83 -2.50
N VAL C 56 -15.52 8.84 -1.96
CA VAL C 56 -14.54 9.57 -2.75
C VAL C 56 -13.59 8.57 -3.37
N ARG C 57 -13.07 7.71 -2.51
CA ARG C 57 -12.14 6.67 -2.91
C ARG C 57 -12.69 5.85 -4.08
N ALA C 58 -14.00 5.58 -4.04
CA ALA C 58 -14.64 4.79 -5.10
C ALA C 58 -14.77 5.57 -6.41
N MET C 59 -14.72 6.90 -6.34
CA MET C 59 -14.81 7.67 -7.58
C MET C 59 -13.71 7.14 -8.50
N THR C 60 -12.50 7.01 -7.92
CA THR C 60 -11.34 6.51 -8.63
C THR C 60 -11.43 5.02 -8.95
N THR C 61 -11.85 4.23 -7.97
CA THR C 61 -11.97 2.77 -8.15
C THR C 61 -12.97 2.41 -9.25
N LEU C 62 -14.15 3.03 -9.20
CA LEU C 62 -15.19 2.77 -10.19
C LEU C 62 -15.02 3.59 -11.45
N ASN C 63 -14.01 4.45 -11.46
CA ASN C 63 -13.71 5.30 -12.60
C ASN C 63 -14.93 6.13 -12.96
N ILE C 64 -15.41 6.89 -11.99
CA ILE C 64 -16.57 7.76 -12.13
C ILE C 64 -16.07 9.18 -11.98
N GLN C 65 -16.25 10.01 -13.01
CA GLN C 65 -15.79 11.38 -12.93
C GLN C 65 -16.76 12.24 -12.13
N TYR C 66 -16.24 13.35 -11.58
CA TYR C 66 -17.04 14.27 -10.79
C TYR C 66 -18.01 15.10 -11.62
N GLY C 67 -19.12 15.49 -11.00
CA GLY C 67 -20.10 16.29 -11.70
C GLY C 67 -19.47 17.60 -12.14
N ASP C 68 -18.68 18.16 -11.22
CA ASP C 68 -17.96 19.41 -11.44
C ASP C 68 -16.49 19.15 -11.10
N SER C 69 -15.57 19.51 -12.00
CA SER C 69 -14.13 19.29 -11.77
C SER C 69 -13.60 19.98 -10.52
N ALA C 70 -14.30 21.02 -10.09
CA ALA C 70 -13.91 21.77 -8.90
C ALA C 70 -13.80 20.82 -7.70
N ARG C 71 -14.71 19.85 -7.64
CA ARG C 71 -14.74 18.88 -6.55
C ARG C 71 -13.47 18.03 -6.45
N GLN C 72 -12.77 17.86 -7.56
CA GLN C 72 -11.54 17.06 -7.53
C GLN C 72 -10.64 17.56 -6.41
N ASP C 73 -10.28 18.84 -6.44
CA ASP C 73 -9.42 19.42 -5.40
C ASP C 73 -9.98 19.17 -4.00
N ASP C 74 -11.28 19.39 -3.81
CA ASP C 74 -11.90 19.19 -2.52
C ASP C 74 -11.63 17.79 -2.00
N ALA C 75 -11.66 16.81 -2.90
CA ALA C 75 -11.39 15.42 -2.53
C ALA C 75 -9.97 15.31 -2.02
N ARG C 76 -9.02 15.92 -2.75
CA ARG C 76 -7.60 15.91 -2.35
C ARG C 76 -7.40 16.54 -0.98
N LYS C 77 -8.10 17.64 -0.71
CA LYS C 77 -7.96 18.31 0.58
C LYS C 77 -8.52 17.43 1.68
N LEU C 78 -9.68 16.84 1.42
CA LEU C 78 -10.36 15.96 2.38
C LEU C 78 -9.44 14.81 2.78
N MET C 79 -8.90 14.10 1.80
CA MET C 79 -8.00 12.98 2.05
C MET C 79 -6.89 13.43 3.01
N HIS C 80 -6.34 14.62 2.75
CA HIS C 80 -5.27 15.19 3.58
C HIS C 80 -5.76 15.46 5.00
N MET C 81 -6.84 16.23 5.12
CA MET C 81 -7.39 16.54 6.42
C MET C 81 -7.64 15.28 7.25
N ALA C 82 -8.11 14.23 6.58
CA ALA C 82 -8.40 12.96 7.23
C ALA C 82 -7.18 12.42 7.98
N ASP C 83 -5.99 12.71 7.47
CA ASP C 83 -4.76 12.25 8.10
C ASP C 83 -4.29 13.20 9.20
N THR C 84 -4.51 14.49 9.02
CA THR C 84 -4.06 15.48 9.99
C THR C 84 -5.01 15.87 11.12
N ILE C 85 -6.31 15.86 10.89
CA ILE C 85 -7.25 16.22 11.96
C ILE C 85 -7.17 15.18 13.07
N GLU C 86 -7.90 15.44 14.16
CA GLU C 86 -7.94 14.53 15.29
C GLU C 86 -9.14 13.60 15.04
N GLU C 87 -8.92 12.30 15.17
CA GLU C 87 -9.97 11.32 14.94
C GLU C 87 -11.25 11.65 15.68
N GLY C 88 -12.40 11.47 15.01
CA GLY C 88 -13.68 11.72 15.63
C GLY C 88 -14.13 13.17 15.71
N THR C 89 -13.33 14.07 15.15
CA THR C 89 -13.63 15.50 15.15
C THR C 89 -14.10 15.90 13.77
N MET C 90 -14.87 17.00 13.69
CA MET C 90 -15.39 17.45 12.40
C MET C 90 -15.22 18.96 12.26
N PRO C 91 -14.01 19.38 11.87
CA PRO C 91 -13.67 20.80 11.68
C PRO C 91 -14.62 21.45 10.68
N LYS C 92 -14.85 22.74 10.84
CA LYS C 92 -15.75 23.46 9.95
C LYS C 92 -15.29 23.32 8.50
N GLU C 93 -13.98 23.47 8.28
CA GLU C 93 -13.46 23.37 6.93
C GLU C 93 -13.73 22.01 6.31
N MET C 94 -13.88 20.99 7.16
CA MET C 94 -14.13 19.64 6.68
C MET C 94 -15.60 19.44 6.33
N SER C 95 -16.47 19.71 7.30
CA SER C 95 -17.89 19.54 7.09
C SER C 95 -18.33 20.28 5.84
N ASP C 96 -17.63 21.37 5.53
CA ASP C 96 -17.97 22.17 4.35
C ASP C 96 -17.57 21.49 3.07
N ILE C 97 -16.43 20.80 3.08
CA ILE C 97 -15.98 20.10 1.90
C ILE C 97 -16.93 18.94 1.66
N ILE C 98 -17.26 18.23 2.74
CA ILE C 98 -18.16 17.07 2.67
C ILE C 98 -19.52 17.44 2.07
N GLN C 99 -20.16 18.50 2.57
CA GLN C 99 -21.46 18.89 2.05
C GLN C 99 -21.38 19.26 0.57
N ARG C 100 -20.31 19.93 0.16
CA ARG C 100 -20.14 20.27 -1.25
C ARG C 100 -20.13 18.97 -2.06
N LEU C 101 -19.19 18.08 -1.74
CA LEU C 101 -19.07 16.81 -2.44
C LEU C 101 -20.40 16.05 -2.41
N TRP C 102 -21.04 16.00 -1.24
CA TRP C 102 -22.30 15.28 -1.12
C TRP C 102 -23.33 15.66 -2.19
N LYS C 103 -23.31 16.94 -2.59
CA LYS C 103 -24.25 17.44 -3.59
C LYS C 103 -23.76 17.27 -5.04
N ASP C 104 -22.61 16.64 -5.23
CA ASP C 104 -22.07 16.44 -6.58
C ASP C 104 -22.74 15.23 -7.23
N SER C 105 -23.18 15.40 -8.47
CA SER C 105 -23.83 14.32 -9.22
C SER C 105 -22.87 13.15 -9.41
N GLY C 106 -21.57 13.46 -9.42
CA GLY C 106 -20.57 12.43 -9.58
C GLY C 106 -20.58 11.56 -8.33
N ILE C 107 -20.46 12.22 -7.19
CA ILE C 107 -20.50 11.53 -5.91
C ILE C 107 -21.78 10.70 -5.80
N GLN C 108 -22.92 11.33 -6.08
CA GLN C 108 -24.21 10.63 -5.99
C GLN C 108 -24.34 9.41 -6.88
N ALA C 109 -23.73 9.44 -8.05
CA ALA C 109 -23.81 8.28 -8.93
C ALA C 109 -22.98 7.17 -8.30
N CYS C 110 -21.95 7.58 -7.57
CA CYS C 110 -21.04 6.66 -6.88
C CYS C 110 -21.71 6.08 -5.64
N PHE C 111 -22.40 6.94 -4.92
CA PHE C 111 -23.13 6.55 -3.72
C PHE C 111 -24.17 5.49 -4.07
N ASP C 112 -24.88 5.67 -5.17
CA ASP C 112 -25.89 4.68 -5.56
C ASP C 112 -25.26 3.36 -5.94
N ARG C 113 -23.95 3.35 -6.12
CA ARG C 113 -23.27 2.12 -6.50
C ARG C 113 -22.55 1.44 -5.33
N ALA C 114 -23.00 1.77 -4.12
CA ALA C 114 -22.43 1.22 -2.89
C ALA C 114 -22.20 -0.28 -2.92
N SER C 115 -23.09 -1.04 -3.53
CA SER C 115 -22.93 -2.49 -3.57
C SER C 115 -21.63 -2.89 -4.24
N GLU C 116 -21.01 -1.95 -4.95
CA GLU C 116 -19.78 -2.26 -5.66
C GLU C 116 -18.51 -2.07 -4.83
N TYR C 117 -18.67 -1.56 -3.61
CA TYR C 117 -17.54 -1.41 -2.71
C TYR C 117 -18.03 -1.65 -1.31
N GLN C 118 -17.37 -1.05 -0.32
CA GLN C 118 -17.76 -1.25 1.08
C GLN C 118 -18.16 0.07 1.69
N LEU C 119 -19.45 0.21 1.97
CA LEU C 119 -19.94 1.45 2.56
C LEU C 119 -20.87 1.19 3.75
N ASN C 120 -20.70 1.99 4.80
CA ASN C 120 -21.52 1.87 5.99
C ASN C 120 -23.02 1.94 5.69
N ASP C 121 -23.82 1.24 6.49
CA ASP C 121 -25.26 1.28 6.29
C ASP C 121 -25.78 2.69 6.46
N SER C 122 -25.32 3.36 7.53
CA SER C 122 -25.75 4.72 7.84
C SER C 122 -25.08 5.83 7.06
N ALA C 123 -24.52 5.51 5.89
CA ALA C 123 -23.86 6.55 5.09
C ALA C 123 -24.83 7.63 4.61
N GLY C 124 -25.92 7.22 3.99
CA GLY C 124 -26.87 8.21 3.49
C GLY C 124 -27.39 9.07 4.63
N TYR C 125 -27.78 8.41 5.71
CA TYR C 125 -28.31 9.07 6.88
C TYR C 125 -27.47 10.24 7.38
N TYR C 126 -26.22 9.98 7.75
CA TYR C 126 -25.35 11.03 8.28
C TYR C 126 -24.93 12.11 7.27
N LEU C 127 -24.59 11.70 6.06
CA LEU C 127 -24.16 12.66 5.07
C LEU C 127 -25.30 13.56 4.57
N SER C 128 -26.48 13.00 4.38
CA SER C 128 -27.62 13.77 3.90
C SER C 128 -28.13 14.76 4.93
N ASP C 129 -27.60 14.71 6.15
CA ASP C 129 -28.02 15.62 7.20
C ASP C 129 -26.84 16.10 8.04
N LEU C 130 -25.73 16.38 7.38
CA LEU C 130 -24.53 16.81 8.08
C LEU C 130 -24.65 18.15 8.81
N GLU C 131 -25.28 19.14 8.18
CA GLU C 131 -25.42 20.47 8.78
C GLU C 131 -26.01 20.39 10.18
N ARG C 132 -27.03 19.55 10.35
CA ARG C 132 -27.64 19.38 11.66
C ARG C 132 -26.62 18.85 12.67
N LEU C 133 -25.84 17.86 12.23
CA LEU C 133 -24.82 17.22 13.07
C LEU C 133 -23.70 18.14 13.51
N VAL C 134 -23.25 19.03 12.61
CA VAL C 134 -22.17 19.94 12.93
C VAL C 134 -22.64 21.30 13.43
N THR C 135 -23.92 21.41 13.78
CA THR C 135 -24.50 22.65 14.29
C THR C 135 -24.09 22.89 15.73
N PRO C 136 -23.42 24.03 16.01
CA PRO C 136 -22.98 24.37 17.36
C PRO C 136 -24.04 24.07 18.41
N GLY C 137 -23.69 23.24 19.39
CA GLY C 137 -24.62 22.86 20.43
C GLY C 137 -25.36 21.57 20.15
N TYR C 138 -24.96 20.86 19.09
CA TYR C 138 -25.59 19.60 18.69
C TYR C 138 -25.58 18.52 19.77
N VAL C 139 -26.66 17.75 19.81
CA VAL C 139 -26.82 16.64 20.74
C VAL C 139 -27.54 15.53 19.97
N PRO C 140 -26.88 14.38 19.82
CA PRO C 140 -27.40 13.19 19.11
C PRO C 140 -28.81 12.77 19.49
N THR C 141 -29.69 12.66 18.50
CA THR C 141 -31.06 12.20 18.75
C THR C 141 -30.92 10.71 19.07
N GLU C 142 -32.03 10.02 19.29
CA GLU C 142 -31.92 8.59 19.57
C GLU C 142 -31.67 7.85 18.26
N GLN C 143 -32.35 8.25 17.20
CA GLN C 143 -32.15 7.59 15.91
C GLN C 143 -30.70 7.78 15.52
N ASP C 144 -30.13 8.92 15.89
CA ASP C 144 -28.73 9.18 15.58
C ASP C 144 -27.86 8.12 16.24
N VAL C 145 -28.06 7.93 17.54
CA VAL C 145 -27.30 6.94 18.27
C VAL C 145 -27.57 5.54 17.68
N LEU C 146 -28.85 5.21 17.53
CA LEU C 146 -29.24 3.93 16.98
C LEU C 146 -28.56 3.63 15.64
N ARG C 147 -28.24 4.69 14.90
CA ARG C 147 -27.60 4.57 13.60
C ARG C 147 -26.08 4.51 13.64
N SER C 148 -25.45 4.85 14.78
CA SER C 148 -24.00 4.85 14.88
C SER C 148 -23.42 3.45 14.63
N ARG C 149 -22.20 3.42 14.09
CA ARG C 149 -21.54 2.16 13.75
C ARG C 149 -20.24 1.92 14.50
N VAL C 150 -20.17 0.80 15.19
CA VAL C 150 -18.97 0.41 15.93
C VAL C 150 -18.85 -1.10 15.81
N LYS C 151 -17.75 -1.61 15.27
CA LYS C 151 -17.63 -3.06 15.14
C LYS C 151 -17.41 -3.70 16.49
N THR C 152 -18.27 -4.66 16.85
CA THR C 152 -18.20 -5.33 18.13
C THR C 152 -17.20 -6.49 18.07
N THR C 153 -16.45 -6.64 19.15
CA THR C 153 -15.46 -7.68 19.25
C THR C 153 -15.61 -8.30 20.65
N GLY C 154 -15.76 -9.62 20.70
CA GLY C 154 -15.91 -10.27 21.99
C GLY C 154 -17.32 -10.73 22.29
N ILE C 155 -17.61 -10.92 23.57
CA ILE C 155 -18.92 -11.37 24.02
C ILE C 155 -19.35 -10.49 25.19
N ILE C 156 -20.22 -9.52 24.90
CA ILE C 156 -20.70 -8.57 25.90
C ILE C 156 -22.10 -8.90 26.44
N GLU C 157 -22.20 -9.04 27.76
CA GLU C 157 -23.48 -9.35 28.38
C GLU C 157 -24.23 -8.11 28.85
N THR C 158 -25.54 -8.13 28.67
CA THR C 158 -26.38 -7.02 29.09
C THR C 158 -27.59 -7.64 29.80
N GLN C 159 -27.98 -7.04 30.91
CA GLN C 159 -29.11 -7.56 31.69
C GLN C 159 -30.25 -6.56 31.92
N PHE C 160 -31.46 -7.08 31.83
CA PHE C 160 -32.65 -6.28 32.06
C PHE C 160 -33.77 -7.26 32.35
N SER C 161 -34.86 -6.77 32.92
CA SER C 161 -36.00 -7.62 33.26
C SER C 161 -37.23 -7.12 32.52
N PHE C 162 -38.06 -8.06 32.05
CA PHE C 162 -39.25 -7.70 31.30
C PHE C 162 -40.28 -8.83 31.42
N LYS C 163 -41.50 -8.47 31.81
CA LYS C 163 -42.57 -9.44 31.99
C LYS C 163 -42.18 -10.50 33.03
N ASP C 164 -41.63 -10.03 34.15
CA ASP C 164 -41.25 -10.90 35.25
C ASP C 164 -40.21 -11.94 34.85
N LEU C 165 -39.50 -11.68 33.77
CA LEU C 165 -38.44 -12.54 33.29
C LEU C 165 -37.13 -11.78 33.47
N ASN C 166 -36.04 -12.50 33.74
CA ASN C 166 -34.74 -11.86 33.91
C ASN C 166 -33.86 -12.22 32.72
N PHE C 167 -33.72 -11.27 31.79
CA PHE C 167 -32.95 -11.49 30.58
C PHE C 167 -31.44 -11.35 30.69
N ARG C 168 -30.74 -12.41 30.29
CA ARG C 168 -29.29 -12.38 30.28
C ARG C 168 -29.03 -12.43 28.78
N MET C 169 -28.88 -11.25 28.20
CA MET C 169 -28.65 -11.12 26.76
C MET C 169 -27.19 -10.94 26.40
N PHE C 170 -26.71 -11.78 25.49
CA PHE C 170 -25.31 -11.73 25.08
C PHE C 170 -25.14 -11.29 23.65
N ASP C 171 -24.37 -10.22 23.48
CA ASP C 171 -24.06 -9.64 22.18
C ASP C 171 -22.72 -10.23 21.78
N VAL C 172 -22.49 -10.47 20.48
CA VAL C 172 -21.21 -11.02 20.01
C VAL C 172 -20.78 -10.42 18.68
N GLY C 173 -19.50 -10.54 18.35
CA GLY C 173 -18.99 -10.03 17.08
C GLY C 173 -19.41 -11.00 16.00
N GLY C 174 -19.69 -10.50 14.80
CA GLY C 174 -20.14 -11.37 13.71
C GLY C 174 -19.17 -11.73 12.59
N GLN C 175 -18.06 -11.00 12.46
CA GLN C 175 -17.08 -11.32 11.42
C GLN C 175 -16.61 -12.75 11.60
N ARG C 176 -16.03 -13.33 10.55
CA ARG C 176 -15.59 -14.74 10.64
C ARG C 176 -14.72 -15.04 11.85
N SER C 177 -13.74 -14.19 12.13
CA SER C 177 -12.84 -14.44 13.25
C SER C 177 -13.50 -14.51 14.63
N GLU C 178 -14.63 -13.85 14.81
CA GLU C 178 -15.32 -13.84 16.10
C GLU C 178 -16.09 -15.12 16.37
N ARG C 179 -16.72 -15.64 15.32
CA ARG C 179 -17.53 -16.85 15.41
C ARG C 179 -16.97 -18.00 16.22
N LYS C 180 -15.66 -18.19 16.20
CA LYS C 180 -15.08 -19.30 16.95
C LYS C 180 -15.17 -19.10 18.47
N LYS C 181 -15.54 -17.90 18.90
CA LYS C 181 -15.69 -17.63 20.33
C LYS C 181 -17.10 -18.04 20.76
N TRP C 182 -18.04 -17.93 19.84
CA TRP C 182 -19.43 -18.26 20.12
C TRP C 182 -19.64 -19.54 20.94
N ILE C 183 -18.90 -20.60 20.60
CA ILE C 183 -19.04 -21.87 21.30
C ILE C 183 -19.07 -21.73 22.81
N HIS C 184 -18.45 -20.67 23.34
CA HIS C 184 -18.40 -20.44 24.79
C HIS C 184 -19.74 -20.12 25.47
N CYS C 185 -20.71 -19.64 24.70
CA CYS C 185 -22.02 -19.30 25.25
C CYS C 185 -23.15 -20.21 24.77
N PHE C 186 -22.81 -21.41 24.30
CA PHE C 186 -23.79 -22.36 23.77
C PHE C 186 -24.60 -23.24 24.75
N GLU C 187 -24.34 -23.16 26.04
CA GLU C 187 -25.08 -23.98 27.00
C GLU C 187 -26.26 -23.26 27.65
N GLY C 188 -27.33 -24.03 27.89
CA GLY C 188 -28.51 -23.48 28.51
C GLY C 188 -29.07 -22.24 27.83
N VAL C 189 -29.05 -22.23 26.50
CA VAL C 189 -29.55 -21.09 25.73
C VAL C 189 -31.08 -21.17 25.57
N THR C 190 -31.77 -20.24 26.22
CA THR C 190 -33.24 -20.20 26.16
C THR C 190 -33.74 -19.86 24.76
N ALA C 191 -33.24 -18.75 24.21
CA ALA C 191 -33.61 -18.30 22.88
C ALA C 191 -32.44 -17.69 22.12
N ILE C 192 -32.61 -17.58 20.80
CA ILE C 192 -31.60 -17.02 19.93
C ILE C 192 -32.22 -16.12 18.88
N ILE C 193 -31.86 -14.85 18.89
CA ILE C 193 -32.36 -13.93 17.88
C ILE C 193 -31.24 -13.94 16.84
N PHE C 194 -31.52 -14.47 15.66
CA PHE C 194 -30.53 -14.53 14.59
C PHE C 194 -30.84 -13.47 13.54
N CYS C 195 -30.03 -12.42 13.51
CA CYS C 195 -30.22 -11.33 12.57
C CYS C 195 -29.66 -11.63 11.17
N VAL C 196 -30.40 -11.19 10.16
CA VAL C 196 -30.05 -11.37 8.76
C VAL C 196 -30.34 -10.05 8.06
N ALA C 197 -29.33 -9.47 7.42
CA ALA C 197 -29.52 -8.20 6.72
C ALA C 197 -30.13 -8.50 5.36
N LEU C 198 -31.35 -8.02 5.17
CA LEU C 198 -32.07 -8.25 3.92
C LEU C 198 -31.34 -7.65 2.74
N SER C 199 -30.85 -6.43 2.95
CA SER C 199 -30.13 -5.69 1.93
C SER C 199 -28.76 -6.23 1.52
N ASP C 200 -28.39 -7.39 2.04
CA ASP C 200 -27.10 -8.01 1.74
C ASP C 200 -27.06 -8.80 0.44
N TYR C 201 -28.23 -9.15 -0.10
CA TYR C 201 -28.26 -9.96 -1.32
C TYR C 201 -27.32 -9.55 -2.46
N ASP C 202 -26.89 -8.29 -2.54
CA ASP C 202 -25.98 -7.87 -3.62
C ASP C 202 -24.69 -7.24 -3.09
N LEU C 203 -24.28 -7.65 -1.90
CA LEU C 203 -23.08 -7.12 -1.27
C LEU C 203 -22.06 -8.24 -1.05
N VAL C 204 -20.81 -7.88 -0.80
CA VAL C 204 -19.75 -8.85 -0.52
C VAL C 204 -19.19 -8.61 0.90
N LEU C 205 -18.71 -9.68 1.53
CA LEU C 205 -18.17 -9.61 2.88
C LEU C 205 -17.02 -8.62 2.97
N ALA C 206 -16.81 -8.05 4.16
CA ALA C 206 -15.69 -7.16 4.33
C ALA C 206 -14.48 -8.05 4.60
N GLU C 207 -14.73 -9.29 5.02
CA GLU C 207 -13.66 -10.27 5.32
C GLU C 207 -13.14 -10.95 4.08
N ASP C 208 -14.05 -11.20 3.14
CA ASP C 208 -13.73 -11.87 1.89
C ASP C 208 -14.57 -11.19 0.84
N GLU C 209 -13.99 -10.28 0.08
CA GLU C 209 -14.77 -9.56 -0.92
C GLU C 209 -15.13 -10.41 -2.13
N GLU C 210 -14.89 -11.72 -2.02
CA GLU C 210 -15.21 -12.66 -3.08
C GLU C 210 -16.45 -13.47 -2.68
N MET C 211 -17.00 -13.16 -1.50
CA MET C 211 -18.15 -13.87 -0.97
C MET C 211 -19.39 -13.01 -0.78
N ASN C 212 -20.50 -13.42 -1.40
CA ASN C 212 -21.75 -12.69 -1.29
C ASN C 212 -22.14 -12.64 0.18
N ARG C 213 -22.55 -11.47 0.66
CA ARG C 213 -22.92 -11.31 2.06
C ARG C 213 -24.05 -12.20 2.56
N MET C 214 -25.10 -12.38 1.75
CA MET C 214 -26.23 -13.21 2.17
C MET C 214 -25.91 -14.69 2.10
N HIS C 215 -25.17 -15.10 1.08
CA HIS C 215 -24.80 -16.49 0.97
C HIS C 215 -24.08 -16.83 2.28
N GLU C 216 -23.29 -15.88 2.77
CA GLU C 216 -22.56 -16.06 4.03
C GLU C 216 -23.58 -16.32 5.15
N SER C 217 -24.52 -15.39 5.35
CA SER C 217 -25.54 -15.54 6.39
C SER C 217 -26.18 -16.92 6.37
N MET C 218 -26.47 -17.40 5.16
CA MET C 218 -27.10 -18.70 5.01
C MET C 218 -26.26 -19.83 5.59
N LYS C 219 -24.97 -19.89 5.26
CA LYS C 219 -24.15 -20.96 5.80
C LYS C 219 -24.01 -20.81 7.30
N LEU C 220 -24.10 -19.58 7.80
CA LEU C 220 -24.00 -19.34 9.23
C LEU C 220 -25.26 -19.84 9.91
N PHE C 221 -26.41 -19.55 9.31
CA PHE C 221 -27.68 -19.98 9.87
C PHE C 221 -27.79 -21.50 9.75
N ASP C 222 -27.37 -22.02 8.59
CA ASP C 222 -27.41 -23.46 8.37
C ASP C 222 -26.71 -24.13 9.56
N SER C 223 -25.49 -23.70 9.86
CA SER C 223 -24.72 -24.26 10.95
C SER C 223 -25.35 -24.02 12.32
N ILE C 224 -25.81 -22.80 12.57
CA ILE C 224 -26.40 -22.50 13.86
C ILE C 224 -27.74 -23.17 14.12
N CYS C 225 -28.74 -22.90 13.29
CA CYS C 225 -30.06 -23.45 13.52
C CYS C 225 -30.08 -24.97 13.66
N ASN C 226 -29.11 -25.64 13.05
CA ASN C 226 -29.05 -27.09 13.12
C ASN C 226 -28.06 -27.60 14.17
N ASN C 227 -27.60 -26.71 15.05
CA ASN C 227 -26.66 -27.10 16.10
C ASN C 227 -27.38 -27.83 17.25
N LYS C 228 -26.89 -29.02 17.58
CA LYS C 228 -27.50 -29.83 18.63
C LYS C 228 -27.65 -29.17 20.00
N TRP C 229 -26.94 -28.07 20.24
CA TRP C 229 -27.05 -27.39 21.52
C TRP C 229 -28.31 -26.55 21.59
N PHE C 230 -29.00 -26.41 20.46
CA PHE C 230 -30.18 -25.57 20.43
C PHE C 230 -31.52 -26.21 20.16
N THR C 231 -31.53 -27.54 20.01
CA THR C 231 -32.76 -28.26 19.74
C THR C 231 -33.91 -27.73 20.59
N ASP C 232 -33.67 -27.61 21.90
CA ASP C 232 -34.69 -27.12 22.82
C ASP C 232 -34.62 -25.62 23.05
N THR C 233 -34.07 -24.89 22.09
CA THR C 233 -33.94 -23.44 22.19
C THR C 233 -34.89 -22.77 21.20
N SER C 234 -35.45 -21.65 21.60
CA SER C 234 -36.35 -20.94 20.71
C SER C 234 -35.57 -20.03 19.79
N ILE C 235 -35.59 -20.35 18.50
CA ILE C 235 -34.87 -19.58 17.50
C ILE C 235 -35.77 -18.62 16.75
N ILE C 236 -35.53 -17.33 16.89
CA ILE C 236 -36.33 -16.34 16.18
C ILE C 236 -35.46 -15.67 15.12
N LEU C 237 -35.89 -15.79 13.86
CA LEU C 237 -35.16 -15.18 12.74
C LEU C 237 -35.59 -13.72 12.57
N PHE C 238 -34.62 -12.82 12.48
CA PHE C 238 -34.89 -11.38 12.33
C PHE C 238 -34.48 -10.87 10.96
N LEU C 239 -35.35 -10.95 9.97
CA LEU C 239 -35.01 -10.45 8.63
C LEU C 239 -35.02 -8.94 8.77
N ASN C 240 -33.86 -8.42 9.16
CA ASN C 240 -33.63 -7.00 9.43
C ASN C 240 -33.28 -6.11 8.22
N LYS C 241 -33.35 -4.81 8.46
CA LYS C 241 -33.08 -3.81 7.44
C LYS C 241 -34.14 -3.78 6.33
N LYS C 242 -35.38 -4.08 6.68
CA LYS C 242 -36.45 -4.09 5.68
C LYS C 242 -36.54 -2.74 4.96
N ASP C 243 -36.34 -1.65 5.70
CA ASP C 243 -36.39 -0.32 5.11
C ASP C 243 -35.37 -0.17 3.98
N LEU C 244 -34.13 -0.57 4.23
CA LEU C 244 -33.07 -0.51 3.22
C LEU C 244 -33.40 -1.47 2.10
N PHE C 245 -33.85 -2.67 2.46
CA PHE C 245 -34.21 -3.68 1.48
C PHE C 245 -35.32 -3.17 0.56
N GLU C 246 -36.21 -2.39 1.15
CA GLU C 246 -37.33 -1.82 0.43
C GLU C 246 -36.83 -0.92 -0.69
N GLU C 247 -35.80 -0.13 -0.40
CA GLU C 247 -35.24 0.77 -1.40
C GLU C 247 -34.41 0.06 -2.46
N LYS C 248 -33.55 -0.85 -2.02
CA LYS C 248 -32.68 -1.57 -2.93
C LYS C 248 -33.41 -2.57 -3.83
N ILE C 249 -34.51 -3.12 -3.37
CA ILE C 249 -35.23 -4.09 -4.18
C ILE C 249 -35.71 -3.55 -5.51
N LYS C 250 -35.95 -2.23 -5.59
CA LYS C 250 -36.40 -1.60 -6.82
C LYS C 250 -35.27 -1.43 -7.83
N LYS C 251 -34.11 -1.03 -7.31
CA LYS C 251 -32.95 -0.77 -8.16
C LYS C 251 -32.06 -1.94 -8.59
N SER C 252 -32.07 -3.07 -7.89
CA SER C 252 -31.24 -4.19 -8.33
C SER C 252 -31.85 -5.56 -8.09
N PRO C 253 -31.61 -6.49 -9.03
CA PRO C 253 -32.06 -7.88 -9.09
C PRO C 253 -31.72 -8.74 -7.90
N LEU C 254 -32.73 -9.43 -7.35
CA LEU C 254 -32.50 -10.34 -6.24
C LEU C 254 -31.81 -11.55 -6.87
N THR C 255 -31.77 -11.56 -8.20
CA THR C 255 -31.17 -12.64 -8.97
C THR C 255 -29.64 -12.60 -8.81
N ILE C 256 -29.12 -11.53 -8.25
CA ILE C 256 -27.69 -11.42 -8.03
C ILE C 256 -27.33 -12.46 -6.99
N CYS C 257 -28.22 -12.60 -6.01
CA CYS C 257 -28.02 -13.55 -4.92
C CYS C 257 -28.54 -14.91 -5.37
N TYR C 258 -29.78 -14.94 -5.80
CA TYR C 258 -30.38 -16.20 -6.24
C TYR C 258 -30.66 -16.15 -7.74
N PRO C 259 -29.76 -16.75 -8.54
CA PRO C 259 -29.93 -16.77 -10.00
C PRO C 259 -31.24 -17.46 -10.35
N GLU C 260 -31.59 -18.45 -9.52
CA GLU C 260 -32.80 -19.25 -9.69
C GLU C 260 -34.06 -18.39 -9.67
N TYR C 261 -34.13 -17.46 -8.73
CA TYR C 261 -35.30 -16.60 -8.56
C TYR C 261 -36.03 -16.20 -9.85
N ALA C 262 -37.34 -16.44 -9.86
CA ALA C 262 -38.18 -16.11 -11.01
C ALA C 262 -39.23 -15.05 -10.69
N GLY C 263 -39.42 -14.78 -9.39
CA GLY C 263 -40.39 -13.78 -9.01
C GLY C 263 -40.01 -12.39 -9.48
N SER C 264 -40.76 -11.40 -9.04
CA SER C 264 -40.50 -10.02 -9.43
C SER C 264 -39.71 -9.32 -8.33
N ASN C 265 -38.91 -8.32 -8.72
CA ASN C 265 -38.11 -7.58 -7.76
C ASN C 265 -39.01 -6.64 -6.96
N THR C 266 -39.90 -7.24 -6.18
CA THR C 266 -40.83 -6.48 -5.34
C THR C 266 -40.64 -6.85 -3.87
N TYR C 267 -40.76 -5.86 -3.00
CA TYR C 267 -40.59 -6.05 -1.57
C TYR C 267 -41.20 -7.35 -1.04
N GLU C 268 -42.52 -7.42 -1.05
CA GLU C 268 -43.21 -8.60 -0.55
C GLU C 268 -42.74 -9.94 -1.08
N GLU C 269 -42.82 -10.12 -2.40
CA GLU C 269 -42.42 -11.40 -2.99
C GLU C 269 -40.95 -11.73 -2.74
N ALA C 270 -40.06 -10.82 -3.13
CA ALA C 270 -38.61 -11.02 -2.94
C ALA C 270 -38.26 -11.31 -1.48
N GLY C 271 -38.82 -10.53 -0.57
CA GLY C 271 -38.55 -10.73 0.84
C GLY C 271 -38.95 -12.12 1.31
N ASN C 272 -40.13 -12.57 0.89
CA ASN C 272 -40.61 -13.89 1.27
C ASN C 272 -39.74 -14.98 0.71
N TYR C 273 -39.25 -14.80 -0.52
CA TYR C 273 -38.39 -15.82 -1.11
C TYR C 273 -37.13 -15.98 -0.26
N ILE C 274 -36.67 -14.88 0.33
CA ILE C 274 -35.48 -14.89 1.19
C ILE C 274 -35.83 -15.59 2.50
N LYS C 275 -36.96 -15.20 3.08
CA LYS C 275 -37.43 -15.79 4.34
C LYS C 275 -37.53 -17.30 4.19
N VAL C 276 -38.02 -17.75 3.05
CA VAL C 276 -38.17 -19.16 2.78
C VAL C 276 -36.80 -19.81 2.56
N GLN C 277 -35.91 -19.10 1.91
CA GLN C 277 -34.57 -19.62 1.66
C GLN C 277 -33.81 -19.94 2.95
N PHE C 278 -34.01 -19.12 3.98
CA PHE C 278 -33.37 -19.35 5.27
C PHE C 278 -34.11 -20.41 6.08
N LEU C 279 -35.40 -20.19 6.32
CA LEU C 279 -36.20 -21.14 7.07
C LEU C 279 -36.04 -22.57 6.55
N GLU C 280 -35.87 -22.72 5.24
CA GLU C 280 -35.72 -24.05 4.66
C GLU C 280 -34.40 -24.75 4.99
N LEU C 281 -33.53 -24.06 5.73
CA LEU C 281 -32.24 -24.62 6.11
C LEU C 281 -32.37 -25.51 7.35
N ASN C 282 -33.51 -25.39 8.03
CA ASN C 282 -33.82 -26.15 9.24
C ASN C 282 -34.13 -27.60 8.88
N MET C 283 -33.28 -28.52 9.30
CA MET C 283 -33.48 -29.94 9.00
C MET C 283 -34.69 -30.51 9.75
N ARG C 284 -34.91 -30.04 10.97
CA ARG C 284 -36.03 -30.51 11.80
C ARG C 284 -37.23 -29.57 11.78
N ARG C 285 -37.47 -28.92 10.65
CA ARG C 285 -38.59 -28.00 10.53
C ARG C 285 -39.89 -28.79 10.69
N ASP C 286 -39.83 -30.05 10.30
CA ASP C 286 -40.99 -30.95 10.39
C ASP C 286 -41.50 -31.06 11.82
N VAL C 287 -40.60 -30.86 12.79
CA VAL C 287 -40.97 -30.95 14.20
C VAL C 287 -40.73 -29.65 14.97
N LYS C 288 -39.68 -28.91 14.61
CA LYS C 288 -39.37 -27.65 15.30
C LYS C 288 -39.52 -26.41 14.42
N GLU C 289 -40.50 -25.57 14.77
CA GLU C 289 -40.75 -24.35 14.02
C GLU C 289 -39.77 -23.25 14.41
N ILE C 290 -39.36 -22.48 13.40
CA ILE C 290 -38.48 -21.34 13.60
C ILE C 290 -39.27 -20.10 13.22
N TYR C 291 -39.40 -19.19 14.17
CA TYR C 291 -40.16 -17.96 13.98
C TYR C 291 -39.34 -16.93 13.22
N SER C 292 -40.02 -15.99 12.55
CA SER C 292 -39.34 -14.96 11.79
C SER C 292 -40.08 -13.63 11.75
N HIS C 293 -39.33 -12.55 11.61
CA HIS C 293 -39.89 -11.21 11.54
C HIS C 293 -39.11 -10.31 10.59
N MET C 294 -39.81 -9.42 9.90
CA MET C 294 -39.18 -8.46 9.01
C MET C 294 -38.97 -7.30 9.97
N THR C 295 -37.74 -6.84 10.14
CA THR C 295 -37.51 -5.78 11.11
C THR C 295 -36.68 -4.62 10.61
N CYS C 296 -36.58 -3.58 11.45
CA CYS C 296 -35.79 -2.39 11.18
C CYS C 296 -35.22 -2.14 12.56
N ALA C 297 -34.07 -2.74 12.82
CA ALA C 297 -33.43 -2.63 14.12
C ALA C 297 -33.33 -1.20 14.62
N THR C 298 -33.22 -0.26 13.70
CA THR C 298 -33.10 1.15 14.06
C THR C 298 -34.41 1.86 14.42
N ASP C 299 -35.54 1.21 14.12
CA ASP C 299 -36.86 1.77 14.43
C ASP C 299 -37.39 1.18 15.73
N THR C 300 -37.41 2.03 16.76
CA THR C 300 -37.86 1.66 18.09
C THR C 300 -39.26 1.03 18.11
N GLN C 301 -40.28 1.82 17.77
CA GLN C 301 -41.65 1.32 17.78
C GLN C 301 -41.82 -0.05 17.12
N ASN C 302 -40.82 -0.47 16.34
CA ASN C 302 -40.88 -1.76 15.65
C ASN C 302 -40.19 -2.85 16.45
N VAL C 303 -39.02 -2.53 16.99
CA VAL C 303 -38.22 -3.47 17.75
C VAL C 303 -38.94 -3.93 19.02
N LYS C 304 -39.53 -3.00 19.77
CA LYS C 304 -40.22 -3.36 20.99
C LYS C 304 -41.36 -4.31 20.66
N PHE C 305 -42.07 -4.04 19.56
CA PHE C 305 -43.16 -4.90 19.15
C PHE C 305 -42.64 -6.30 18.84
N VAL C 306 -41.63 -6.38 17.97
CA VAL C 306 -41.08 -7.67 17.59
C VAL C 306 -40.49 -8.40 18.79
N PHE C 307 -39.85 -7.68 19.69
CA PHE C 307 -39.27 -8.31 20.87
C PHE C 307 -40.42 -8.81 21.74
N ASP C 308 -41.43 -7.95 21.90
CA ASP C 308 -42.59 -8.31 22.70
C ASP C 308 -43.08 -9.66 22.21
N ALA C 309 -43.14 -9.83 20.89
CA ALA C 309 -43.58 -11.08 20.29
C ALA C 309 -42.59 -12.20 20.59
N VAL C 310 -41.31 -11.85 20.65
CA VAL C 310 -40.27 -12.82 20.93
C VAL C 310 -40.43 -13.32 22.37
N THR C 311 -40.82 -12.40 23.25
CA THR C 311 -41.01 -12.73 24.66
C THR C 311 -42.15 -13.73 24.86
N ASP C 312 -43.26 -13.50 24.18
CA ASP C 312 -44.39 -14.42 24.30
C ASP C 312 -43.96 -15.76 23.75
N ILE C 313 -43.08 -15.72 22.77
CA ILE C 313 -42.58 -16.93 22.15
C ILE C 313 -41.72 -17.69 23.15
N ILE C 314 -41.07 -16.96 24.05
CA ILE C 314 -40.21 -17.57 25.06
C ILE C 314 -41.03 -17.98 26.27
N ILE C 315 -42.07 -17.20 26.56
CA ILE C 315 -42.96 -17.45 27.67
C ILE C 315 -43.90 -18.61 27.39
N LYS C 316 -44.57 -18.56 26.24
CA LYS C 316 -45.51 -19.58 25.82
C LYS C 316 -44.82 -20.77 25.18
N GLU C 317 -43.58 -21.01 25.60
CA GLU C 317 -42.76 -22.11 25.09
C GLU C 317 -42.00 -22.72 26.25
N ASN C 318 -41.60 -21.85 27.18
CA ASN C 318 -40.82 -22.24 28.35
C ASN C 318 -41.73 -22.78 29.46
N LEU C 319 -43.03 -22.84 29.19
CA LEU C 319 -43.97 -23.36 30.19
C LEU C 319 -44.20 -24.87 30.00
N LYS C 320 -43.17 -25.56 29.50
CA LYS C 320 -43.23 -27.00 29.28
C LYS C 320 -42.80 -27.78 30.52
N PHE D 2 25.44 1.98 39.67
CA PHE D 2 26.31 1.09 40.49
C PHE D 2 25.47 -0.08 41.02
N TRP D 3 24.32 0.23 41.59
CA TRP D 3 23.40 -0.77 42.14
C TRP D 3 22.14 -0.80 41.28
N ASP D 4 21.37 -1.89 41.36
CA ASP D 4 20.14 -1.99 40.58
C ASP D 4 18.90 -1.82 41.45
N LEU D 5 17.85 -1.28 40.85
CA LEU D 5 16.61 -1.06 41.57
C LEU D 5 15.91 -2.39 41.81
N ASN D 6 14.87 -2.36 42.64
CA ASN D 6 14.11 -3.56 42.95
C ASN D 6 13.02 -3.63 41.89
N ALA D 7 13.35 -4.28 40.77
CA ALA D 7 12.42 -4.41 39.65
C ALA D 7 11.24 -5.30 40.00
N LYS D 8 11.26 -5.84 41.23
CA LYS D 8 10.19 -6.70 41.70
C LYS D 8 9.18 -5.96 42.59
N LEU D 9 9.29 -4.64 42.64
CA LEU D 9 8.38 -3.83 43.46
C LEU D 9 7.04 -3.71 42.78
N VAL D 10 5.97 -4.03 43.51
CA VAL D 10 4.63 -3.94 42.98
C VAL D 10 4.34 -2.51 42.53
N ASP D 11 4.00 -2.36 41.25
CA ASP D 11 3.70 -1.06 40.69
C ASP D 11 2.27 -0.69 41.10
N ILE D 12 2.12 0.29 41.99
CA ILE D 12 0.80 0.73 42.43
C ILE D 12 0.65 2.18 42.01
N PRO D 13 -0.27 2.45 41.07
CA PRO D 13 -0.60 3.76 40.48
C PRO D 13 -1.24 4.80 41.39
N THR D 14 -0.80 6.04 41.19
CA THR D 14 -1.34 7.16 41.94
C THR D 14 -2.81 7.26 41.53
N LYS D 15 -3.46 8.37 41.85
CA LYS D 15 -4.86 8.54 41.49
C LYS D 15 -4.87 9.25 40.15
N MET D 16 -4.08 10.31 40.08
CA MET D 16 -3.95 11.11 38.87
C MET D 16 -3.60 10.25 37.67
N ARG D 17 -2.87 9.17 37.93
CA ARG D 17 -2.42 8.24 36.89
C ARG D 17 -3.54 7.31 36.39
N VAL D 18 -4.42 6.89 37.30
CA VAL D 18 -5.52 6.00 36.93
C VAL D 18 -6.60 6.77 36.18
N GLU D 19 -6.85 8.01 36.59
CA GLU D 19 -7.86 8.83 35.94
C GLU D 19 -7.40 9.12 34.51
N ARG D 20 -6.11 9.38 34.37
CA ARG D 20 -5.50 9.67 33.08
C ARG D 20 -5.85 8.63 32.03
N TRP D 21 -6.09 7.39 32.48
CA TRP D 21 -6.44 6.31 31.57
C TRP D 21 -7.79 6.60 30.93
N ALA D 22 -8.54 7.49 31.54
CA ALA D 22 -9.86 7.83 31.04
C ALA D 22 -9.79 8.99 30.07
N PHE D 23 -8.72 9.78 30.13
CA PHE D 23 -8.57 10.92 29.23
C PHE D 23 -8.48 10.45 27.77
N ASN D 24 -7.77 9.34 27.53
CA ASN D 24 -7.60 8.82 26.19
C ASN D 24 -7.05 7.39 26.22
N PHE D 25 -7.52 6.58 25.28
CA PHE D 25 -7.10 5.18 25.15
C PHE D 25 -5.58 5.06 25.01
N SER D 26 -4.97 6.08 24.41
CA SER D 26 -3.53 6.09 24.21
C SER D 26 -2.77 6.07 25.53
N GLU D 27 -3.39 6.60 26.58
CA GLU D 27 -2.75 6.61 27.90
C GLU D 27 -2.91 5.25 28.57
N LEU D 28 -4.11 4.70 28.48
CA LEU D 28 -4.39 3.39 29.09
C LEU D 28 -3.52 2.30 28.52
N ILE D 29 -3.54 2.17 27.19
CA ILE D 29 -2.80 1.14 26.45
C ILE D 29 -1.27 1.24 26.47
N ARG D 30 -0.74 2.43 26.70
CA ARG D 30 0.71 2.62 26.75
C ARG D 30 1.18 2.73 28.20
N ASP D 31 0.41 2.14 29.10
CA ASP D 31 0.71 2.14 30.52
C ASP D 31 0.76 0.70 30.99
N PRO D 32 1.94 0.24 31.39
CA PRO D 32 2.14 -1.14 31.86
C PRO D 32 0.99 -1.68 32.69
N LYS D 33 0.62 -0.94 33.73
CA LYS D 33 -0.42 -1.36 34.63
C LYS D 33 -1.81 -1.24 33.99
N GLY D 34 -1.93 -0.31 33.06
CA GLY D 34 -3.19 -0.13 32.37
C GLY D 34 -3.47 -1.35 31.53
N ARG D 35 -2.49 -1.73 30.72
CA ARG D 35 -2.62 -2.89 29.86
C ARG D 35 -2.96 -4.10 30.70
N GLN D 36 -2.31 -4.19 31.86
CA GLN D 36 -2.55 -5.32 32.74
C GLN D 36 -4.01 -5.41 33.16
N SER D 37 -4.60 -4.27 33.53
CA SER D 37 -6.01 -4.26 33.94
C SER D 37 -6.91 -4.46 32.71
N PHE D 38 -6.69 -3.66 31.67
CA PHE D 38 -7.48 -3.75 30.45
C PHE D 38 -7.51 -5.19 29.93
N GLN D 39 -6.39 -5.86 30.12
CA GLN D 39 -6.21 -7.25 29.71
C GLN D 39 -7.20 -8.13 30.46
N HIS D 40 -7.39 -7.85 31.75
CA HIS D 40 -8.32 -8.63 32.57
C HIS D 40 -9.76 -8.39 32.10
N PHE D 41 -10.06 -7.15 31.71
CA PHE D 41 -11.39 -6.82 31.21
C PHE D 41 -11.60 -7.55 29.87
N LEU D 42 -10.62 -7.45 28.96
CA LEU D 42 -10.74 -8.13 27.67
C LEU D 42 -11.01 -9.62 27.78
N ARG D 43 -10.34 -10.28 28.71
CA ARG D 43 -10.56 -11.71 28.90
C ARG D 43 -12.01 -11.99 29.31
N LYS D 44 -12.62 -11.06 30.05
CA LYS D 44 -14.00 -11.28 30.48
C LYS D 44 -14.90 -11.19 29.25
N GLU D 45 -14.50 -10.37 28.28
CA GLU D 45 -15.29 -10.20 27.06
C GLU D 45 -14.82 -11.06 25.88
N PHE D 46 -13.86 -11.94 26.13
CA PHE D 46 -13.35 -12.83 25.10
C PHE D 46 -12.84 -12.07 23.88
N SER D 47 -11.98 -11.10 24.12
CA SER D 47 -11.41 -10.32 23.02
C SER D 47 -9.95 -10.00 23.29
N GLY D 48 -9.33 -10.83 24.14
CA GLY D 48 -7.94 -10.63 24.49
C GLY D 48 -6.95 -10.60 23.33
N GLU D 49 -7.26 -11.25 22.21
CA GLU D 49 -6.34 -11.28 21.09
C GLU D 49 -5.98 -9.90 20.57
N ASN D 50 -6.95 -9.00 20.57
CA ASN D 50 -6.71 -7.65 20.09
C ASN D 50 -5.55 -7.00 20.85
N LEU D 51 -5.52 -7.13 22.17
CA LEU D 51 -4.43 -6.51 22.92
C LEU D 51 -3.12 -7.30 22.74
N GLY D 52 -3.20 -8.62 22.78
CA GLY D 52 -2.00 -9.41 22.60
C GLY D 52 -1.39 -9.04 21.27
N PHE D 53 -2.23 -8.93 20.24
CA PHE D 53 -1.76 -8.59 18.90
C PHE D 53 -1.10 -7.24 18.93
N TRP D 54 -1.79 -6.25 19.49
CA TRP D 54 -1.23 -4.92 19.56
C TRP D 54 0.19 -4.98 20.14
N GLU D 55 0.37 -5.80 21.17
CA GLU D 55 1.69 -5.93 21.80
C GLU D 55 2.75 -6.64 20.96
N ALA D 56 2.35 -7.69 20.27
CA ALA D 56 3.30 -8.42 19.43
C ALA D 56 3.81 -7.45 18.38
N CYS D 57 2.92 -6.64 17.82
CA CYS D 57 3.34 -5.67 16.81
C CYS D 57 4.32 -4.70 17.43
N GLU D 58 3.91 -4.08 18.53
CA GLU D 58 4.76 -3.13 19.22
C GLU D 58 6.08 -3.78 19.66
N ASP D 59 6.13 -5.11 19.71
CA ASP D 59 7.38 -5.79 20.09
C ASP D 59 8.20 -6.03 18.83
N LEU D 60 7.52 -6.23 17.71
CA LEU D 60 8.23 -6.44 16.46
C LEU D 60 9.03 -5.18 16.18
N LYS D 61 8.40 -4.02 16.37
CA LYS D 61 9.02 -2.72 16.11
C LYS D 61 10.15 -2.33 17.05
N TYR D 62 9.90 -2.38 18.35
CA TYR D 62 10.90 -1.98 19.33
C TYR D 62 11.60 -3.18 19.99
N GLY D 63 11.95 -4.19 19.21
CA GLY D 63 12.60 -5.34 19.77
C GLY D 63 13.82 -5.72 18.96
N ASP D 64 14.44 -6.84 19.29
CA ASP D 64 15.62 -7.27 18.55
C ASP D 64 15.33 -7.27 17.05
N GLN D 65 15.87 -6.27 16.38
CA GLN D 65 15.66 -6.11 14.96
C GLN D 65 16.28 -7.17 14.06
N SER D 66 16.81 -8.24 14.64
CA SER D 66 17.38 -9.30 13.81
C SER D 66 16.37 -10.45 13.76
N LYS D 67 15.34 -10.34 14.60
CA LYS D 67 14.31 -11.37 14.67
C LYS D 67 13.01 -10.92 14.01
N VAL D 68 13.04 -9.78 13.35
CA VAL D 68 11.87 -9.22 12.68
C VAL D 68 11.14 -10.21 11.78
N LYS D 69 11.88 -10.90 10.92
CA LYS D 69 11.26 -11.85 10.01
C LYS D 69 10.65 -13.06 10.72
N GLU D 70 11.30 -13.55 11.77
CA GLU D 70 10.79 -14.70 12.50
C GLU D 70 9.53 -14.30 13.23
N LYS D 71 9.53 -13.11 13.81
CA LYS D 71 8.36 -12.64 14.53
C LYS D 71 7.19 -12.36 13.60
N ALA D 72 7.49 -11.89 12.40
CA ALA D 72 6.42 -11.59 11.45
C ALA D 72 5.70 -12.88 11.11
N GLU D 73 6.46 -13.92 10.80
CA GLU D 73 5.83 -15.19 10.46
C GLU D 73 5.06 -15.72 11.67
N GLU D 74 5.66 -15.60 12.85
CA GLU D 74 5.00 -16.11 14.05
C GLU D 74 3.70 -15.35 14.33
N ILE D 75 3.75 -14.03 14.25
CA ILE D 75 2.56 -13.22 14.50
C ILE D 75 1.48 -13.58 13.48
N TYR D 76 1.90 -13.95 12.28
CA TYR D 76 0.94 -14.30 11.25
C TYR D 76 0.20 -15.59 11.56
N LYS D 77 0.95 -16.64 11.89
CA LYS D 77 0.36 -17.94 12.18
C LYS D 77 -0.44 -17.98 13.46
N LEU D 78 -0.07 -17.12 14.39
CA LEU D 78 -0.72 -17.02 15.68
C LEU D 78 -1.98 -16.14 15.67
N PHE D 79 -1.93 -14.98 15.02
CA PHE D 79 -3.08 -14.06 15.01
C PHE D 79 -3.82 -13.79 13.69
N LEU D 80 -3.11 -13.92 12.57
CA LEU D 80 -3.68 -13.57 11.27
C LEU D 80 -4.22 -14.66 10.35
N ALA D 81 -3.67 -15.85 10.40
CA ALA D 81 -4.13 -16.92 9.51
C ALA D 81 -5.57 -17.37 9.75
N PRO D 82 -6.24 -17.89 8.70
CA PRO D 82 -7.62 -18.35 8.85
C PRO D 82 -7.62 -19.41 9.93
N GLY D 83 -8.50 -19.25 10.92
CA GLY D 83 -8.60 -20.21 12.01
C GLY D 83 -7.52 -20.09 13.07
N ALA D 84 -6.64 -19.10 12.96
CA ALA D 84 -5.56 -18.94 13.95
C ALA D 84 -6.03 -18.98 15.40
N ARG D 85 -5.16 -19.45 16.29
CA ARG D 85 -5.50 -19.57 17.70
C ARG D 85 -6.05 -18.27 18.28
N ARG D 86 -5.36 -17.15 18.05
CA ARG D 86 -5.84 -15.86 18.54
C ARG D 86 -6.26 -15.00 17.35
N TRP D 87 -7.10 -15.56 16.49
CA TRP D 87 -7.56 -14.88 15.27
C TRP D 87 -8.09 -13.46 15.49
N ILE D 88 -7.44 -12.47 14.89
CA ILE D 88 -7.91 -11.10 15.09
C ILE D 88 -8.95 -10.69 14.06
N ASN D 89 -9.73 -9.68 14.43
CA ASN D 89 -10.81 -9.20 13.59
C ASN D 89 -10.42 -8.06 12.66
N ILE D 90 -9.86 -8.36 11.49
CA ILE D 90 -9.53 -7.28 10.54
C ILE D 90 -10.25 -7.52 9.21
N ASP D 91 -10.36 -6.49 8.39
CA ASP D 91 -11.06 -6.61 7.11
C ASP D 91 -10.16 -7.13 6.00
N GLY D 92 -10.75 -7.62 4.92
CA GLY D 92 -9.96 -8.12 3.82
C GLY D 92 -8.97 -7.11 3.24
N LYS D 93 -9.40 -5.86 3.13
CA LYS D 93 -8.54 -4.81 2.59
C LYS D 93 -7.23 -4.77 3.39
N THR D 94 -7.37 -4.68 4.72
CA THR D 94 -6.22 -4.63 5.62
C THR D 94 -5.44 -5.96 5.61
N MET D 95 -6.15 -7.06 5.41
CA MET D 95 -5.48 -8.36 5.37
C MET D 95 -4.62 -8.47 4.10
N ASP D 96 -5.14 -8.00 2.97
CA ASP D 96 -4.39 -8.07 1.71
C ASP D 96 -3.13 -7.23 1.77
N ILE D 97 -3.20 -6.12 2.49
CA ILE D 97 -2.04 -5.24 2.63
C ILE D 97 -0.98 -5.91 3.54
N THR D 98 -1.45 -6.56 4.59
CA THR D 98 -0.57 -7.22 5.55
C THR D 98 0.07 -8.41 4.84
N VAL D 99 -0.75 -9.23 4.18
CA VAL D 99 -0.25 -10.40 3.47
C VAL D 99 0.87 -10.04 2.46
N LYS D 100 0.60 -9.05 1.60
CA LYS D 100 1.57 -8.61 0.61
C LYS D 100 2.83 -8.11 1.28
N GLY D 101 2.65 -7.29 2.30
CA GLY D 101 3.80 -6.77 3.02
C GLY D 101 4.56 -7.92 3.68
N LEU D 102 3.83 -8.89 4.21
CA LEU D 102 4.53 -10.00 4.86
C LEU D 102 5.39 -10.85 3.93
N LYS D 103 5.38 -10.61 2.63
CA LYS D 103 6.23 -11.47 1.83
C LYS D 103 7.66 -10.91 1.73
N HIS D 104 7.86 -9.74 2.33
CA HIS D 104 9.16 -9.08 2.37
C HIS D 104 9.11 -8.33 3.69
N PRO D 105 9.12 -9.07 4.81
CA PRO D 105 9.07 -8.55 6.18
C PRO D 105 9.99 -7.40 6.52
N HIS D 106 9.48 -6.52 7.38
CA HIS D 106 10.24 -5.38 7.86
C HIS D 106 9.55 -4.80 9.10
N ARG D 107 10.26 -3.95 9.82
CA ARG D 107 9.80 -3.33 11.06
C ARG D 107 8.36 -2.81 11.08
N TYR D 108 7.90 -2.22 9.99
CA TYR D 108 6.56 -1.64 9.98
C TYR D 108 5.55 -2.41 9.15
N VAL D 109 5.85 -3.67 8.88
CA VAL D 109 4.99 -4.47 8.04
C VAL D 109 3.58 -4.70 8.62
N LEU D 110 3.43 -4.58 9.94
CA LEU D 110 2.13 -4.80 10.58
C LEU D 110 1.39 -3.53 10.99
N ASP D 111 1.88 -2.38 10.54
CA ASP D 111 1.25 -1.10 10.89
C ASP D 111 -0.24 -1.01 10.61
N ALA D 112 -0.65 -1.34 9.39
CA ALA D 112 -2.06 -1.26 9.02
C ALA D 112 -2.93 -2.15 9.89
N ALA D 113 -2.50 -3.40 10.11
CA ALA D 113 -3.32 -4.29 10.93
C ALA D 113 -3.36 -3.82 12.37
N GLN D 114 -2.26 -3.24 12.84
CA GLN D 114 -2.19 -2.76 14.22
C GLN D 114 -3.10 -1.56 14.40
N THR D 115 -3.09 -0.64 13.43
CA THR D 115 -3.97 0.52 13.55
C THR D 115 -5.42 0.04 13.55
N HIS D 116 -5.73 -0.92 12.68
CA HIS D 116 -7.09 -1.45 12.62
C HIS D 116 -7.52 -2.01 13.98
N ILE D 117 -6.66 -2.83 14.58
CA ILE D 117 -6.98 -3.39 15.88
C ILE D 117 -7.04 -2.33 17.00
N TYR D 118 -6.21 -1.30 16.89
CA TYR D 118 -6.19 -0.24 17.89
C TYR D 118 -7.57 0.40 17.89
N MET D 119 -7.99 0.93 16.75
CA MET D 119 -9.31 1.55 16.65
C MET D 119 -10.41 0.60 17.12
N LEU D 120 -10.26 -0.67 16.81
CA LEU D 120 -11.25 -1.66 17.21
C LEU D 120 -11.45 -1.66 18.72
N MET D 121 -10.35 -1.68 19.46
CA MET D 121 -10.41 -1.68 20.93
C MET D 121 -10.87 -0.30 21.40
N LYS D 122 -10.35 0.73 20.74
CA LYS D 122 -10.69 2.09 21.11
C LYS D 122 -12.19 2.38 21.06
N LYS D 123 -12.80 2.07 19.92
CA LYS D 123 -14.22 2.35 19.73
C LYS D 123 -15.17 1.38 20.38
N ASP D 124 -14.68 0.20 20.71
CA ASP D 124 -15.58 -0.79 21.29
C ASP D 124 -15.25 -1.19 22.72
N SER D 125 -14.29 -2.09 22.89
CA SER D 125 -13.90 -2.58 24.20
C SER D 125 -13.56 -1.50 25.23
N TYR D 126 -12.69 -0.57 24.83
CA TYR D 126 -12.28 0.53 25.70
C TYR D 126 -13.45 1.25 26.34
N ALA D 127 -14.40 1.70 25.52
CA ALA D 127 -15.58 2.40 26.01
C ALA D 127 -16.20 1.72 27.24
N ARG D 128 -16.50 0.42 27.12
CA ARG D 128 -17.08 -0.31 28.23
C ARG D 128 -16.12 -0.40 29.40
N TYR D 129 -14.83 -0.53 29.11
CA TYR D 129 -13.85 -0.61 30.17
C TYR D 129 -13.99 0.53 31.18
N LEU D 130 -14.03 1.77 30.71
CA LEU D 130 -14.14 2.93 31.60
C LEU D 130 -15.33 2.92 32.57
N LYS D 131 -16.38 2.16 32.27
CA LYS D 131 -17.54 2.14 33.16
C LYS D 131 -17.77 0.76 33.71
N SER D 132 -16.68 0.01 33.87
CA SER D 132 -16.76 -1.35 34.35
C SER D 132 -16.29 -1.46 35.80
N PRO D 133 -16.85 -2.42 36.54
CA PRO D 133 -16.47 -2.63 37.94
C PRO D 133 -14.96 -2.68 37.99
N ILE D 134 -14.41 -3.51 37.10
CA ILE D 134 -12.98 -3.70 37.00
C ILE D 134 -12.17 -2.40 37.02
N TYR D 135 -12.59 -1.37 36.28
CA TYR D 135 -11.84 -0.11 36.27
C TYR D 135 -12.18 0.79 37.46
N LYS D 136 -13.41 0.68 37.96
CA LYS D 136 -13.80 1.51 39.08
C LYS D 136 -13.08 1.04 40.33
N GLU D 137 -13.06 -0.26 40.54
CA GLU D 137 -12.38 -0.84 41.69
C GLU D 137 -10.88 -0.54 41.57
N MET D 138 -10.45 -0.18 40.36
CA MET D 138 -9.05 0.14 40.11
C MET D 138 -8.84 1.60 40.48
N LEU D 139 -9.94 2.34 40.54
CA LEU D 139 -9.89 3.75 40.87
C LEU D 139 -10.00 3.90 42.39
N ALA D 140 -10.83 3.06 43.00
CA ALA D 140 -11.03 3.09 44.43
C ALA D 140 -9.76 2.74 45.21
N LYS D 141 -8.75 2.22 44.51
CA LYS D 141 -7.50 1.85 45.17
C LYS D 141 -6.32 2.76 44.82
N ALA D 142 -6.62 3.98 44.40
CA ALA D 142 -5.56 4.92 44.04
C ALA D 142 -4.93 5.56 45.27
N ILE D 143 -3.76 6.16 45.07
CA ILE D 143 -2.98 6.83 46.13
C ILE D 143 -3.21 8.35 46.10
N GLU D 144 -3.02 9.02 47.24
CA GLU D 144 -3.17 10.48 47.31
C GLU D 144 -4.54 10.98 46.81
#